data_1YCR
# 
_entry.id   1YCR 
# 
_audit_conform.dict_name       mmcif_pdbx.dic 
_audit_conform.dict_version    5.387 
_audit_conform.dict_location   http://mmcif.pdb.org/dictionaries/ascii/mmcif_pdbx.dic 
# 
loop_
_database_2.database_id 
_database_2.database_code 
_database_2.pdbx_database_accession 
_database_2.pdbx_DOI 
PDB   1YCR         pdb_00001ycr 10.2210/pdb1ycr/pdb 
WWPDB D_1000177367 ?            ?                   
# 
loop_
_pdbx_audit_revision_history.ordinal 
_pdbx_audit_revision_history.data_content_type 
_pdbx_audit_revision_history.major_revision 
_pdbx_audit_revision_history.minor_revision 
_pdbx_audit_revision_history.revision_date 
1 'Structure model' 1 0 1997-11-19 
2 'Structure model' 1 1 2008-03-24 
3 'Structure model' 1 2 2011-07-13 
4 'Structure model' 1 3 2019-07-17 
5 'Structure model' 1 4 2019-08-14 
6 'Structure model' 1 5 2024-02-14 
# 
_pdbx_audit_revision_details.ordinal             1 
_pdbx_audit_revision_details.revision_ordinal    1 
_pdbx_audit_revision_details.data_content_type   'Structure model' 
_pdbx_audit_revision_details.provider            repository 
_pdbx_audit_revision_details.type                'Initial release' 
_pdbx_audit_revision_details.description         ? 
_pdbx_audit_revision_details.details             ? 
# 
loop_
_pdbx_audit_revision_group.ordinal 
_pdbx_audit_revision_group.revision_ordinal 
_pdbx_audit_revision_group.data_content_type 
_pdbx_audit_revision_group.group 
1 2 'Structure model' 'Version format compliance' 
2 3 'Structure model' 'Version format compliance' 
3 4 'Structure model' 'Data collection'           
4 4 'Structure model' Other                       
5 4 'Structure model' 'Refinement description'    
6 5 'Structure model' 'Data collection'           
7 6 'Structure model' 'Data collection'           
8 6 'Structure model' 'Database references'       
# 
loop_
_pdbx_audit_revision_category.ordinal 
_pdbx_audit_revision_category.revision_ordinal 
_pdbx_audit_revision_category.data_content_type 
_pdbx_audit_revision_category.category 
1 4 'Structure model' pdbx_database_status 
2 4 'Structure model' software             
3 5 'Structure model' computing            
4 6 'Structure model' chem_comp_atom       
5 6 'Structure model' chem_comp_bond       
6 6 'Structure model' database_2           
# 
loop_
_pdbx_audit_revision_item.ordinal 
_pdbx_audit_revision_item.revision_ordinal 
_pdbx_audit_revision_item.data_content_type 
_pdbx_audit_revision_item.item 
1 4 'Structure model' '_pdbx_database_status.process_site'  
2 4 'Structure model' '_software.classification'            
3 6 'Structure model' '_database_2.pdbx_DOI'                
4 6 'Structure model' '_database_2.pdbx_database_accession' 
# 
_pdbx_database_status.status_code                     REL 
_pdbx_database_status.entry_id                        1YCR 
_pdbx_database_status.recvd_initial_deposition_date   1996-09-30 
_pdbx_database_status.deposit_site                    ? 
_pdbx_database_status.process_site                    BNL 
_pdbx_database_status.SG_entry                        . 
_pdbx_database_status.pdb_format_compatible           Y 
_pdbx_database_status.status_code_mr                  ? 
_pdbx_database_status.status_code_sf                  ? 
_pdbx_database_status.status_code_cs                  ? 
_pdbx_database_status.methods_development_category    ? 
_pdbx_database_status.status_code_nmr_data            ? 
# 
loop_
_audit_author.name 
_audit_author.pdbx_ordinal 
'Kussie, P.H.'    1 
'Pavletich, N.P.' 2 
# 
_citation.id                        primary 
_citation.title                     'Structure of the MDM2 oncoprotein bound to the p53 tumor suppressor transactivation domain.' 
_citation.journal_abbrev            Science 
_citation.journal_volume            274 
_citation.page_first                948 
_citation.page_last                 953 
_citation.year                      1996 
_citation.journal_id_ASTM           SCIEAS 
_citation.country                   US 
_citation.journal_id_ISSN           0036-8075 
_citation.journal_id_CSD            0038 
_citation.book_publisher            ? 
_citation.pdbx_database_id_PubMed   8875929 
_citation.pdbx_database_id_DOI      10.1126/science.274.5289.948 
# 
loop_
_citation_author.citation_id 
_citation_author.name 
_citation_author.ordinal 
_citation_author.identifier_ORCID 
primary 'Kussie, P.H.'    1 ? 
primary 'Gorina, S.'      2 ? 
primary 'Marechal, V.'    3 ? 
primary 'Elenbaas, B.'    4 ? 
primary 'Moreau, J.'      5 ? 
primary 'Levine, A.J.'    6 ? 
primary 'Pavletich, N.P.' 7 ? 
# 
loop_
_entity.id 
_entity.type 
_entity.src_method 
_entity.pdbx_description 
_entity.formula_weight 
_entity.pdbx_number_of_molecules 
_entity.pdbx_ec 
_entity.pdbx_mutation 
_entity.pdbx_fragment 
_entity.details 
1 polymer man MDM2 12535.350 1 ? ? 'RESIDUES 17 - 125' ? 
2 polymer man P53  1807.973  1 ? ? 'RESIDUES 15 - 29'  ? 
# 
_entity_name_com.entity_id   1 
_entity_name_com.name        MDM2 
# 
loop_
_entity_poly.entity_id 
_entity_poly.type 
_entity_poly.nstd_linkage 
_entity_poly.nstd_monomer 
_entity_poly.pdbx_seq_one_letter_code 
_entity_poly.pdbx_seq_one_letter_code_can 
_entity_poly.pdbx_strand_id 
_entity_poly.pdbx_target_identifier 
1 'polypeptide(L)' no no 
;SQIPASEQETLVRPKPLLLKLLKSVGAQKDTYTMKEVLFYLGQYIMTKRLYDEKQQHIVYCSNDLLGDLFGVPSFSVKEH
RKIYTMIYRNLVVVNQQESSDSGTSVSEN
;
;SQIPASEQETLVRPKPLLLKLLKSVGAQKDTYTMKEVLFYLGQYIMTKRLYDEKQQHIVYCSNDLLGDLFGVPSFSVKEH
RKIYTMIYRNLVVVNQQESSDSGTSVSEN
;
A ? 
2 'polypeptide(L)' no no SQETFSDLWKLLPEN SQETFSDLWKLLPEN B ? 
# 
loop_
_entity_poly_seq.entity_id 
_entity_poly_seq.num 
_entity_poly_seq.mon_id 
_entity_poly_seq.hetero 
1 1   SER n 
1 2   GLN n 
1 3   ILE n 
1 4   PRO n 
1 5   ALA n 
1 6   SER n 
1 7   GLU n 
1 8   GLN n 
1 9   GLU n 
1 10  THR n 
1 11  LEU n 
1 12  VAL n 
1 13  ARG n 
1 14  PRO n 
1 15  LYS n 
1 16  PRO n 
1 17  LEU n 
1 18  LEU n 
1 19  LEU n 
1 20  LYS n 
1 21  LEU n 
1 22  LEU n 
1 23  LYS n 
1 24  SER n 
1 25  VAL n 
1 26  GLY n 
1 27  ALA n 
1 28  GLN n 
1 29  LYS n 
1 30  ASP n 
1 31  THR n 
1 32  TYR n 
1 33  THR n 
1 34  MET n 
1 35  LYS n 
1 36  GLU n 
1 37  VAL n 
1 38  LEU n 
1 39  PHE n 
1 40  TYR n 
1 41  LEU n 
1 42  GLY n 
1 43  GLN n 
1 44  TYR n 
1 45  ILE n 
1 46  MET n 
1 47  THR n 
1 48  LYS n 
1 49  ARG n 
1 50  LEU n 
1 51  TYR n 
1 52  ASP n 
1 53  GLU n 
1 54  LYS n 
1 55  GLN n 
1 56  GLN n 
1 57  HIS n 
1 58  ILE n 
1 59  VAL n 
1 60  TYR n 
1 61  CYS n 
1 62  SER n 
1 63  ASN n 
1 64  ASP n 
1 65  LEU n 
1 66  LEU n 
1 67  GLY n 
1 68  ASP n 
1 69  LEU n 
1 70  PHE n 
1 71  GLY n 
1 72  VAL n 
1 73  PRO n 
1 74  SER n 
1 75  PHE n 
1 76  SER n 
1 77  VAL n 
1 78  LYS n 
1 79  GLU n 
1 80  HIS n 
1 81  ARG n 
1 82  LYS n 
1 83  ILE n 
1 84  TYR n 
1 85  THR n 
1 86  MET n 
1 87  ILE n 
1 88  TYR n 
1 89  ARG n 
1 90  ASN n 
1 91  LEU n 
1 92  VAL n 
1 93  VAL n 
1 94  VAL n 
1 95  ASN n 
1 96  GLN n 
1 97  GLN n 
1 98  GLU n 
1 99  SER n 
1 100 SER n 
1 101 ASP n 
1 102 SER n 
1 103 GLY n 
1 104 THR n 
1 105 SER n 
1 106 VAL n 
1 107 SER n 
1 108 GLU n 
1 109 ASN n 
2 1   SER n 
2 2   GLN n 
2 3   GLU n 
2 4   THR n 
2 5   PHE n 
2 6   SER n 
2 7   ASP n 
2 8   LEU n 
2 9   TRP n 
2 10  LYS n 
2 11  LEU n 
2 12  LEU n 
2 13  PRO n 
2 14  GLU n 
2 15  ASN n 
# 
_entity_src_gen.entity_id                          1 
_entity_src_gen.pdbx_src_id                        1 
_entity_src_gen.pdbx_alt_source_flag               sample 
_entity_src_gen.pdbx_seq_type                      ? 
_entity_src_gen.pdbx_beg_seq_num                   ? 
_entity_src_gen.pdbx_end_seq_num                   ? 
_entity_src_gen.gene_src_common_name               human 
_entity_src_gen.gene_src_genus                     Homo 
_entity_src_gen.pdbx_gene_src_gene                 ? 
_entity_src_gen.gene_src_species                   ? 
_entity_src_gen.gene_src_strain                    ? 
_entity_src_gen.gene_src_tissue                    ? 
_entity_src_gen.gene_src_tissue_fraction           ? 
_entity_src_gen.gene_src_details                   ? 
_entity_src_gen.pdbx_gene_src_fragment             ? 
_entity_src_gen.pdbx_gene_src_scientific_name      'Homo sapiens' 
_entity_src_gen.pdbx_gene_src_ncbi_taxonomy_id     9606 
_entity_src_gen.pdbx_gene_src_variant              ? 
_entity_src_gen.pdbx_gene_src_cell_line            ? 
_entity_src_gen.pdbx_gene_src_atcc                 ? 
_entity_src_gen.pdbx_gene_src_organ                ? 
_entity_src_gen.pdbx_gene_src_organelle            ? 
_entity_src_gen.pdbx_gene_src_cell                 ? 
_entity_src_gen.pdbx_gene_src_cellular_location    ? 
_entity_src_gen.host_org_common_name               ? 
_entity_src_gen.pdbx_host_org_scientific_name      'Escherichia coli' 
_entity_src_gen.pdbx_host_org_ncbi_taxonomy_id     562 
_entity_src_gen.host_org_genus                     Escherichia 
_entity_src_gen.pdbx_host_org_gene                 ? 
_entity_src_gen.pdbx_host_org_organ                ? 
_entity_src_gen.host_org_species                   ? 
_entity_src_gen.pdbx_host_org_tissue               ? 
_entity_src_gen.pdbx_host_org_tissue_fraction      ? 
_entity_src_gen.pdbx_host_org_strain               ? 
_entity_src_gen.pdbx_host_org_variant              ? 
_entity_src_gen.pdbx_host_org_cell_line            ? 
_entity_src_gen.pdbx_host_org_atcc                 ? 
_entity_src_gen.pdbx_host_org_culture_collection   ? 
_entity_src_gen.pdbx_host_org_cell                 ? 
_entity_src_gen.pdbx_host_org_organelle            ? 
_entity_src_gen.pdbx_host_org_cellular_location    ? 
_entity_src_gen.pdbx_host_org_vector_type          ? 
_entity_src_gen.pdbx_host_org_vector               ? 
_entity_src_gen.host_org_details                   ? 
_entity_src_gen.expression_system_id               ? 
_entity_src_gen.plasmid_name                       PET3D 
_entity_src_gen.plasmid_details                    ? 
_entity_src_gen.pdbx_description                   ? 
# 
loop_
_chem_comp.id 
_chem_comp.type 
_chem_comp.mon_nstd_flag 
_chem_comp.name 
_chem_comp.pdbx_synonyms 
_chem_comp.formula 
_chem_comp.formula_weight 
ALA 'L-peptide linking' y ALANINE         ? 'C3 H7 N O2'     89.093  
ARG 'L-peptide linking' y ARGININE        ? 'C6 H15 N4 O2 1' 175.209 
ASN 'L-peptide linking' y ASPARAGINE      ? 'C4 H8 N2 O3'    132.118 
ASP 'L-peptide linking' y 'ASPARTIC ACID' ? 'C4 H7 N O4'     133.103 
CYS 'L-peptide linking' y CYSTEINE        ? 'C3 H7 N O2 S'   121.158 
GLN 'L-peptide linking' y GLUTAMINE       ? 'C5 H10 N2 O3'   146.144 
GLU 'L-peptide linking' y 'GLUTAMIC ACID' ? 'C5 H9 N O4'     147.129 
GLY 'peptide linking'   y GLYCINE         ? 'C2 H5 N O2'     75.067  
HIS 'L-peptide linking' y HISTIDINE       ? 'C6 H10 N3 O2 1' 156.162 
ILE 'L-peptide linking' y ISOLEUCINE      ? 'C6 H13 N O2'    131.173 
LEU 'L-peptide linking' y LEUCINE         ? 'C6 H13 N O2'    131.173 
LYS 'L-peptide linking' y LYSINE          ? 'C6 H15 N2 O2 1' 147.195 
MET 'L-peptide linking' y METHIONINE      ? 'C5 H11 N O2 S'  149.211 
PHE 'L-peptide linking' y PHENYLALANINE   ? 'C9 H11 N O2'    165.189 
PRO 'L-peptide linking' y PROLINE         ? 'C5 H9 N O2'     115.130 
SER 'L-peptide linking' y SERINE          ? 'C3 H7 N O3'     105.093 
THR 'L-peptide linking' y THREONINE       ? 'C4 H9 N O3'     119.119 
TRP 'L-peptide linking' y TRYPTOPHAN      ? 'C11 H12 N2 O2'  204.225 
TYR 'L-peptide linking' y TYROSINE        ? 'C9 H11 N O3'    181.189 
VAL 'L-peptide linking' y VALINE          ? 'C5 H11 N O2'    117.146 
# 
loop_
_pdbx_poly_seq_scheme.asym_id 
_pdbx_poly_seq_scheme.entity_id 
_pdbx_poly_seq_scheme.seq_id 
_pdbx_poly_seq_scheme.mon_id 
_pdbx_poly_seq_scheme.ndb_seq_num 
_pdbx_poly_seq_scheme.pdb_seq_num 
_pdbx_poly_seq_scheme.auth_seq_num 
_pdbx_poly_seq_scheme.pdb_mon_id 
_pdbx_poly_seq_scheme.auth_mon_id 
_pdbx_poly_seq_scheme.pdb_strand_id 
_pdbx_poly_seq_scheme.pdb_ins_code 
_pdbx_poly_seq_scheme.hetero 
A 1 1   SER 1   17  ?   ?   ?   A . n 
A 1 2   GLN 2   18  ?   ?   ?   A . n 
A 1 3   ILE 3   19  ?   ?   ?   A . n 
A 1 4   PRO 4   20  ?   ?   ?   A . n 
A 1 5   ALA 5   21  ?   ?   ?   A . n 
A 1 6   SER 6   22  ?   ?   ?   A . n 
A 1 7   GLU 7   23  ?   ?   ?   A . n 
A 1 8   GLN 8   24  ?   ?   ?   A . n 
A 1 9   GLU 9   25  25  GLU GLU A . n 
A 1 10  THR 10  26  26  THR THR A . n 
A 1 11  LEU 11  27  27  LEU LEU A . n 
A 1 12  VAL 12  28  28  VAL VAL A . n 
A 1 13  ARG 13  29  29  ARG ARG A . n 
A 1 14  PRO 14  30  30  PRO PRO A . n 
A 1 15  LYS 15  31  31  LYS LYS A . n 
A 1 16  PRO 16  32  32  PRO PRO A . n 
A 1 17  LEU 17  33  33  LEU LEU A . n 
A 1 18  LEU 18  34  34  LEU LEU A . n 
A 1 19  LEU 19  35  35  LEU LEU A . n 
A 1 20  LYS 20  36  36  LYS LYS A . n 
A 1 21  LEU 21  37  37  LEU LEU A . n 
A 1 22  LEU 22  38  38  LEU LEU A . n 
A 1 23  LYS 23  39  39  LYS LYS A . n 
A 1 24  SER 24  40  40  SER SER A . n 
A 1 25  VAL 25  41  41  VAL VAL A . n 
A 1 26  GLY 26  42  42  GLY GLY A . n 
A 1 27  ALA 27  43  43  ALA ALA A . n 
A 1 28  GLN 28  44  44  GLN GLN A . n 
A 1 29  LYS 29  45  45  LYS LYS A . n 
A 1 30  ASP 30  46  46  ASP ASP A . n 
A 1 31  THR 31  47  47  THR THR A . n 
A 1 32  TYR 32  48  48  TYR TYR A . n 
A 1 33  THR 33  49  49  THR THR A . n 
A 1 34  MET 34  50  50  MET MET A . n 
A 1 35  LYS 35  51  51  LYS LYS A . n 
A 1 36  GLU 36  52  52  GLU GLU A . n 
A 1 37  VAL 37  53  53  VAL VAL A . n 
A 1 38  LEU 38  54  54  LEU LEU A . n 
A 1 39  PHE 39  55  55  PHE PHE A . n 
A 1 40  TYR 40  56  56  TYR TYR A . n 
A 1 41  LEU 41  57  57  LEU LEU A . n 
A 1 42  GLY 42  58  58  GLY GLY A . n 
A 1 43  GLN 43  59  59  GLN GLN A . n 
A 1 44  TYR 44  60  60  TYR TYR A . n 
A 1 45  ILE 45  61  61  ILE ILE A . n 
A 1 46  MET 46  62  62  MET MET A . n 
A 1 47  THR 47  63  63  THR THR A . n 
A 1 48  LYS 48  64  64  LYS LYS A . n 
A 1 49  ARG 49  65  65  ARG ARG A . n 
A 1 50  LEU 50  66  66  LEU LEU A . n 
A 1 51  TYR 51  67  67  TYR TYR A . n 
A 1 52  ASP 52  68  68  ASP ASP A . n 
A 1 53  GLU 53  69  69  GLU GLU A . n 
A 1 54  LYS 54  70  70  LYS LYS A . n 
A 1 55  GLN 55  71  71  GLN GLN A . n 
A 1 56  GLN 56  72  72  GLN GLN A . n 
A 1 57  HIS 57  73  73  HIS HIS A . n 
A 1 58  ILE 58  74  74  ILE ILE A . n 
A 1 59  VAL 59  75  75  VAL VAL A . n 
A 1 60  TYR 60  76  76  TYR TYR A . n 
A 1 61  CYS 61  77  77  CYS CYS A . n 
A 1 62  SER 62  78  78  SER SER A . n 
A 1 63  ASN 63  79  79  ASN ASN A . n 
A 1 64  ASP 64  80  80  ASP ASP A . n 
A 1 65  LEU 65  81  81  LEU LEU A . n 
A 1 66  LEU 66  82  82  LEU LEU A . n 
A 1 67  GLY 67  83  83  GLY GLY A . n 
A 1 68  ASP 68  84  84  ASP ASP A . n 
A 1 69  LEU 69  85  85  LEU LEU A . n 
A 1 70  PHE 70  86  86  PHE PHE A . n 
A 1 71  GLY 71  87  87  GLY GLY A . n 
A 1 72  VAL 72  88  88  VAL VAL A . n 
A 1 73  PRO 73  89  89  PRO PRO A . n 
A 1 74  SER 74  90  90  SER SER A . n 
A 1 75  PHE 75  91  91  PHE PHE A . n 
A 1 76  SER 76  92  92  SER SER A . n 
A 1 77  VAL 77  93  93  VAL VAL A . n 
A 1 78  LYS 78  94  94  LYS LYS A . n 
A 1 79  GLU 79  95  95  GLU GLU A . n 
A 1 80  HIS 80  96  96  HIS HIS A . n 
A 1 81  ARG 81  97  97  ARG ARG A . n 
A 1 82  LYS 82  98  98  LYS LYS A . n 
A 1 83  ILE 83  99  99  ILE ILE A . n 
A 1 84  TYR 84  100 100 TYR TYR A . n 
A 1 85  THR 85  101 101 THR THR A . n 
A 1 86  MET 86  102 102 MET MET A . n 
A 1 87  ILE 87  103 103 ILE ILE A . n 
A 1 88  TYR 88  104 104 TYR TYR A . n 
A 1 89  ARG 89  105 105 ARG ARG A . n 
A 1 90  ASN 90  106 106 ASN ASN A . n 
A 1 91  LEU 91  107 107 LEU LEU A . n 
A 1 92  VAL 92  108 108 VAL VAL A . n 
A 1 93  VAL 93  109 109 VAL VAL A . n 
A 1 94  VAL 94  110 ?   ?   ?   A . n 
A 1 95  ASN 95  111 ?   ?   ?   A . n 
A 1 96  GLN 96  112 ?   ?   ?   A . n 
A 1 97  GLN 97  113 ?   ?   ?   A . n 
A 1 98  GLU 98  114 ?   ?   ?   A . n 
A 1 99  SER 99  115 ?   ?   ?   A . n 
A 1 100 SER 100 116 ?   ?   ?   A . n 
A 1 101 ASP 101 117 ?   ?   ?   A . n 
A 1 102 SER 102 118 ?   ?   ?   A . n 
A 1 103 GLY 103 119 ?   ?   ?   A . n 
A 1 104 THR 104 120 ?   ?   ?   A . n 
A 1 105 SER 105 121 ?   ?   ?   A . n 
A 1 106 VAL 106 122 ?   ?   ?   A . n 
A 1 107 SER 107 123 ?   ?   ?   A . n 
A 1 108 GLU 108 124 ?   ?   ?   A . n 
A 1 109 ASN 109 125 ?   ?   ?   A . n 
B 2 1   SER 1   15  ?   ?   ?   B . n 
B 2 2   GLN 2   16  ?   ?   ?   B . n 
B 2 3   GLU 3   17  17  GLU GLU B . n 
B 2 4   THR 4   18  18  THR THR B . n 
B 2 5   PHE 5   19  19  PHE PHE B . n 
B 2 6   SER 6   20  20  SER SER B . n 
B 2 7   ASP 7   21  21  ASP ASP B . n 
B 2 8   LEU 8   22  22  LEU LEU B . n 
B 2 9   TRP 9   23  23  TRP TRP B . n 
B 2 10  LYS 10  24  24  LYS LYS B . n 
B 2 11  LEU 11  25  25  LEU LEU B . n 
B 2 12  LEU 12  26  26  LEU LEU B . n 
B 2 13  PRO 13  27  27  PRO PRO B . n 
B 2 14  GLU 14  28  28  GLU GLU B . n 
B 2 15  ASN 15  29  29  ASN ASN B . n 
# 
loop_
_software.name 
_software.classification 
_software.version 
_software.citation_id 
_software.pdbx_ordinal 
X-PLOR refinement       3.1 ? 1 
TNT    refinement       .   ? 2 
X-PLOR 'model building' 3.1 ? 3 
HKL    'data reduction' .   ? 4 
X-PLOR phasing          3.1 ? 5 
# 
_cell.entry_id           1YCR 
_cell.length_a           43.414 
_cell.length_b           100.546 
_cell.length_c           54.853 
_cell.angle_alpha        90.00 
_cell.angle_beta         90.00 
_cell.angle_gamma        90.00 
_cell.Z_PDB              8 
_cell.pdbx_unique_axis   ? 
# 
_symmetry.entry_id                         1YCR 
_symmetry.space_group_name_H-M             'C 2 2 21' 
_symmetry.pdbx_full_space_group_name_H-M   ? 
_symmetry.cell_setting                     ? 
_symmetry.Int_Tables_number                20 
# 
_exptl.entry_id          1YCR 
_exptl.method            'X-RAY DIFFRACTION' 
_exptl.crystals_number   ? 
# 
_exptl_crystal.id                    1 
_exptl_crystal.density_meas          ? 
_exptl_crystal.density_Matthews      2.09 
_exptl_crystal.density_percent_sol   41.03 
_exptl_crystal.description           ? 
# 
_diffrn.id                     1 
_diffrn.ambient_temp           ? 
_diffrn.ambient_temp_details   ? 
_diffrn.crystal_id             1 
# 
_diffrn_detector.diffrn_id              1 
_diffrn_detector.detector               'IMAGE PLATE' 
_diffrn_detector.type                   RIGAKU 
_diffrn_detector.pdbx_collection_date   1996-07-25 
_diffrn_detector.details                ? 
# 
_diffrn_radiation.diffrn_id                        1 
_diffrn_radiation.wavelength_id                    1 
_diffrn_radiation.pdbx_monochromatic_or_laue_m_l   M 
_diffrn_radiation.monochromator                    ? 
_diffrn_radiation.pdbx_diffrn_protocol             ? 
_diffrn_radiation.pdbx_scattering_type             x-ray 
# 
_diffrn_radiation_wavelength.id           1 
_diffrn_radiation_wavelength.wavelength   1.5418 
_diffrn_radiation_wavelength.wt           1.0 
# 
_diffrn_source.diffrn_id                   1 
_diffrn_source.source                      ? 
_diffrn_source.type                        ? 
_diffrn_source.pdbx_synchrotron_site       ? 
_diffrn_source.pdbx_synchrotron_beamline   ? 
_diffrn_source.pdbx_wavelength             1.5418 
_diffrn_source.pdbx_wavelength_list        ? 
# 
_reflns.entry_id                     1YCR 
_reflns.observed_criterion_sigma_I   0.0 
_reflns.observed_criterion_sigma_F   ? 
_reflns.d_resolution_low             ? 
_reflns.d_resolution_high            ? 
_reflns.number_obs                   3559 
_reflns.number_all                   ? 
_reflns.percent_possible_obs         90.0 
_reflns.pdbx_Rmerge_I_obs            0.0520000 
_reflns.pdbx_Rsym_value              ? 
_reflns.pdbx_netI_over_sigmaI        ? 
_reflns.B_iso_Wilson_estimate        ? 
_reflns.pdbx_redundancy              4.5 
_reflns.pdbx_diffrn_id               1 
_reflns.pdbx_ordinal                 1 
# 
_refine.entry_id                                 1YCR 
_refine.ls_number_reflns_obs                     3293 
_refine.ls_number_reflns_all                     ? 
_refine.pdbx_ls_sigma_I                          ? 
_refine.pdbx_ls_sigma_F                          1. 
_refine.pdbx_data_cutoff_high_absF               ? 
_refine.pdbx_data_cutoff_low_absF                ? 
_refine.pdbx_data_cutoff_high_rms_absF           ? 
_refine.ls_d_res_low                             8. 
_refine.ls_d_res_high                            2.6 
_refine.ls_percent_reflns_obs                    ? 
_refine.ls_R_factor_obs                          0.2000000 
_refine.ls_R_factor_all                          ? 
_refine.ls_R_factor_R_work                       0.2000000 
_refine.ls_R_factor_R_free                       0.2760000 
_refine.ls_R_factor_R_free_error                 ? 
_refine.ls_R_factor_R_free_error_details         ? 
_refine.ls_percent_reflns_R_free                 ? 
_refine.ls_number_reflns_R_free                  ? 
_refine.ls_number_parameters                     ? 
_refine.ls_number_restraints                     ? 
_refine.occupancy_min                            ? 
_refine.occupancy_max                            ? 
_refine.B_iso_mean                               ? 
_refine.aniso_B[1][1]                            ? 
_refine.aniso_B[2][2]                            ? 
_refine.aniso_B[3][3]                            ? 
_refine.aniso_B[1][2]                            ? 
_refine.aniso_B[1][3]                            ? 
_refine.aniso_B[2][3]                            ? 
_refine.solvent_model_details                    ? 
_refine.solvent_model_param_ksol                 ? 
_refine.solvent_model_param_bsol                 ? 
_refine.pdbx_ls_cross_valid_method               ? 
_refine.details                                  ? 
_refine.pdbx_starting_model                      ? 
_refine.pdbx_method_to_determine_struct          ? 
_refine.pdbx_isotropic_thermal_model             ? 
_refine.pdbx_stereochemistry_target_values       ? 
_refine.pdbx_stereochem_target_val_spec_case     ? 
_refine.pdbx_R_Free_selection_details            ? 
_refine.pdbx_overall_ESU_R                       ? 
_refine.pdbx_overall_ESU_R_Free                  ? 
_refine.overall_SU_ML                            ? 
_refine.overall_SU_B                             ? 
_refine.pdbx_refine_id                           'X-RAY DIFFRACTION' 
_refine.pdbx_diffrn_id                           1 
_refine.pdbx_TLS_residual_ADP_flag               ? 
_refine.correlation_coeff_Fo_to_Fc               ? 
_refine.correlation_coeff_Fo_to_Fc_free          ? 
_refine.pdbx_solvent_vdw_probe_radii             ? 
_refine.pdbx_solvent_ion_probe_radii             ? 
_refine.pdbx_solvent_shrinkage_radii             ? 
_refine.pdbx_overall_phase_error                 ? 
_refine.overall_SU_R_Cruickshank_DPI             ? 
_refine.pdbx_overall_SU_R_free_Cruickshank_DPI   ? 
_refine.pdbx_overall_SU_R_Blow_DPI               ? 
_refine.pdbx_overall_SU_R_free_Blow_DPI          ? 
# 
_refine_hist.pdbx_refine_id                   'X-RAY DIFFRACTION' 
_refine_hist.cycle_id                         LAST 
_refine_hist.pdbx_number_atoms_protein        819 
_refine_hist.pdbx_number_atoms_nucleic_acid   0 
_refine_hist.pdbx_number_atoms_ligand         0 
_refine_hist.number_atoms_solvent             0 
_refine_hist.number_atoms_total               819 
_refine_hist.d_res_high                       2.6 
_refine_hist.d_res_low                        8. 
# 
loop_
_refine_ls_restr.type 
_refine_ls_restr.dev_ideal 
_refine_ls_restr.dev_ideal_target 
_refine_ls_restr.weight 
_refine_ls_restr.number 
_refine_ls_restr.pdbx_refine_id 
_refine_ls_restr.pdbx_restraint_function 
x_bond_d                0.013 ? ? ? 'X-RAY DIFFRACTION' ? 
x_bond_d_na             ?     ? ? ? 'X-RAY DIFFRACTION' ? 
x_bond_d_prot           ?     ? ? ? 'X-RAY DIFFRACTION' ? 
x_angle_d               ?     ? ? ? 'X-RAY DIFFRACTION' ? 
x_angle_d_na            ?     ? ? ? 'X-RAY DIFFRACTION' ? 
x_angle_d_prot          ?     ? ? ? 'X-RAY DIFFRACTION' ? 
x_angle_deg             1.55  ? ? ? 'X-RAY DIFFRACTION' ? 
x_angle_deg_na          ?     ? ? ? 'X-RAY DIFFRACTION' ? 
x_angle_deg_prot        ?     ? ? ? 'X-RAY DIFFRACTION' ? 
x_dihedral_angle_d      ?     ? ? ? 'X-RAY DIFFRACTION' ? 
x_dihedral_angle_d_na   ?     ? ? ? 'X-RAY DIFFRACTION' ? 
x_dihedral_angle_d_prot ?     ? ? ? 'X-RAY DIFFRACTION' ? 
x_improper_angle_d      ?     ? ? ? 'X-RAY DIFFRACTION' ? 
x_improper_angle_d_na   ?     ? ? ? 'X-RAY DIFFRACTION' ? 
x_improper_angle_d_prot ?     ? ? ? 'X-RAY DIFFRACTION' ? 
x_mcbond_it             ?     ? ? ? 'X-RAY DIFFRACTION' ? 
x_mcangle_it            ?     ? ? ? 'X-RAY DIFFRACTION' ? 
x_scbond_it             ?     ? ? ? 'X-RAY DIFFRACTION' ? 
x_scangle_it            ?     ? ? ? 'X-RAY DIFFRACTION' ? 
# 
_struct.entry_id                  1YCR 
_struct.title                     'MDM2 BOUND TO THE TRANSACTIVATION DOMAIN OF P53' 
_struct.pdbx_model_details        ? 
_struct.pdbx_CASP_flag            ? 
_struct.pdbx_model_type_details   ? 
# 
_struct_keywords.entry_id        1YCR 
_struct_keywords.pdbx_keywords   'COMPLEX (ONCOGENE PROTEIN/PEPTIDE)' 
_struct_keywords.text            
;ANTI-ONCOGENE, DNA-BINDING, TRANSCRIPTION REGULATION, NUCLEAR PROTEIN, COMPLEX (ONCOGENE PROTEIN-PEPTIDE), PHOSPHORYLATION, ACTIVATOR, COMPLEX (ONCOGENE PROTEIN-PEPTIDE) complex
;
# 
loop_
_struct_asym.id 
_struct_asym.pdbx_blank_PDB_chainid_flag 
_struct_asym.pdbx_modified 
_struct_asym.entity_id 
_struct_asym.details 
A N N 1 ? 
B N N 2 ? 
# 
loop_
_struct_ref.id 
_struct_ref.db_name 
_struct_ref.db_code 
_struct_ref.entity_id 
_struct_ref.pdbx_db_accession 
_struct_ref.pdbx_align_begin 
_struct_ref.pdbx_seq_one_letter_code 
_struct_ref.pdbx_db_isoform 
1 UNP MDM2_HUMAN 1 Q00987 1 
;MCNTNMSVPTDGAVTTSQIPASEQETLVRPKPLLLKLLKSVGAQKDTYTMKEVLFYLGQYIMTKRLYDEKQQHIVYCSND
LLGDLFGVPSFSVKEHRKIYTMIYRNLVVVNQQESSDSGTSVSENRCHLEGGSDQKDLVQELQEEKPSSSHLVSRPSTSS
RRRAISETEENSDELSGERQRKRHKSDSISLSFDESLALCVIREICCERSSSSESTGTPSNPDLDAGVSEHSGDWLDQDS
VSDQFSVEFEVESLDSEDYSLSEEGQELSDEDDEVYQVTVYQAGESDTDSFEEDPEISLADYWKCTSCNEMNPPLPSHCN
RCWALRENWLPEDKGKDKGEISEKAKLENSTQAEEGFDVPDCKKTIVNDSRESCVEENDDKITQASQSQESEDYSQPSTS
SSIIYSSQEDVKEFEREETQDKEESVESSLPLNAIEPCVICQGRPKNGCIVHGKTGHLMACFTCAKKLKKRNKPCPVCRQ
PIQMIVLTYFP
;
? 
2 UNP P53_HUMAN  2 P04637 1 
;MEEPQSDPSVEPPLSQETFSDLWKLLPENNVLSPLPSQAMDDLMLSPDDIEQWFTEDPGPDEAPRMPEAAPPVAPAPAAP
TPAAPAPAPSWPLSSSVPSQKTYQGSYGFRLGFLHSGTAKSVTCTYSPALNKMFCQLAKTCPVQLWVDSTPPPGTRVRAM
AIYKQSQHMTEVVRRCPHHERCSDSDGLAPPQHLIRVEGNLRVEYLDDRNTFRHSVVVPYEPPEVGSDCTTIHYNYMCNS
SCMGGMNRRPILTIITLEDSSGNLLGRNSFEVRVCACPGRDRRTEEENLRKKGEPHHELPPGSTKRALPNNTSSSPQPKK
KPLDGEYFTLQIRGRERFEMFRELNEALELKDAQAGKEPGGSRAHSSHLKSKKGQSTSRHKKLMFKTEGPDSD
;
? 
# 
loop_
_struct_ref_seq.align_id 
_struct_ref_seq.ref_id 
_struct_ref_seq.pdbx_PDB_id_code 
_struct_ref_seq.pdbx_strand_id 
_struct_ref_seq.seq_align_beg 
_struct_ref_seq.pdbx_seq_align_beg_ins_code 
_struct_ref_seq.seq_align_end 
_struct_ref_seq.pdbx_seq_align_end_ins_code 
_struct_ref_seq.pdbx_db_accession 
_struct_ref_seq.db_align_beg 
_struct_ref_seq.pdbx_db_align_beg_ins_code 
_struct_ref_seq.db_align_end 
_struct_ref_seq.pdbx_db_align_end_ins_code 
_struct_ref_seq.pdbx_auth_seq_align_beg 
_struct_ref_seq.pdbx_auth_seq_align_end 
1 1 1YCR A 1 ? 109 ? Q00987 17 ? 125 ? 17 125 
2 2 1YCR B 1 ? 15  ? P04637 15 ? 29  ? 15 29  
# 
_pdbx_struct_assembly.id                   1 
_pdbx_struct_assembly.details              author_and_software_defined_assembly 
_pdbx_struct_assembly.method_details       PISA 
_pdbx_struct_assembly.oligomeric_details   dimeric 
_pdbx_struct_assembly.oligomeric_count     2 
# 
loop_
_pdbx_struct_assembly_prop.biol_id 
_pdbx_struct_assembly_prop.type 
_pdbx_struct_assembly_prop.value 
_pdbx_struct_assembly_prop.details 
1 'ABSA (A^2)' 1440 ? 
1 MORE         -12  ? 
1 'SSA (A^2)'  5440 ? 
# 
_pdbx_struct_assembly_gen.assembly_id       1 
_pdbx_struct_assembly_gen.oper_expression   1 
_pdbx_struct_assembly_gen.asym_id_list      A,B 
# 
_pdbx_struct_oper_list.id                   1 
_pdbx_struct_oper_list.type                 'identity operation' 
_pdbx_struct_oper_list.name                 1_555 
_pdbx_struct_oper_list.symmetry_operation   x,y,z 
_pdbx_struct_oper_list.matrix[1][1]         1.0000000000 
_pdbx_struct_oper_list.matrix[1][2]         0.0000000000 
_pdbx_struct_oper_list.matrix[1][3]         0.0000000000 
_pdbx_struct_oper_list.vector[1]            0.0000000000 
_pdbx_struct_oper_list.matrix[2][1]         0.0000000000 
_pdbx_struct_oper_list.matrix[2][2]         1.0000000000 
_pdbx_struct_oper_list.matrix[2][3]         0.0000000000 
_pdbx_struct_oper_list.vector[2]            0.0000000000 
_pdbx_struct_oper_list.matrix[3][1]         0.0000000000 
_pdbx_struct_oper_list.matrix[3][2]         0.0000000000 
_pdbx_struct_oper_list.matrix[3][3]         1.0000000000 
_pdbx_struct_oper_list.vector[3]            0.0000000000 
# 
_struct_biol.id   1 
# 
loop_
_struct_conf.conf_type_id 
_struct_conf.id 
_struct_conf.pdbx_PDB_helix_id 
_struct_conf.beg_label_comp_id 
_struct_conf.beg_label_asym_id 
_struct_conf.beg_label_seq_id 
_struct_conf.pdbx_beg_PDB_ins_code 
_struct_conf.end_label_comp_id 
_struct_conf.end_label_asym_id 
_struct_conf.end_label_seq_id 
_struct_conf.pdbx_end_PDB_ins_code 
_struct_conf.beg_auth_comp_id 
_struct_conf.beg_auth_asym_id 
_struct_conf.beg_auth_seq_id 
_struct_conf.end_auth_comp_id 
_struct_conf.end_auth_asym_id 
_struct_conf.end_auth_seq_id 
_struct_conf.pdbx_PDB_helix_class 
_struct_conf.details 
_struct_conf.pdbx_PDB_helix_length 
HELX_P HELX_P1 1 PRO A 16 ? VAL A 25 ? PRO A 32 VAL A 41  1 ? 10 
HELX_P HELX_P2 2 MET A 34 ? THR A 47 ? MET A 50 THR A 63  1 ? 14 
HELX_P HELX_P3 3 LEU A 65 ? PHE A 70 ? LEU A 81 PHE A 86  1 ? 6  
HELX_P HELX_P4 4 HIS A 80 ? ASN A 90 ? HIS A 96 ASN A 106 1 ? 11 
HELX_P HELX_P5 5 PHE B 5  ? LEU B 11 ? PHE B 19 LEU B 25  1 ? 7  
# 
_struct_conf_type.id          HELX_P 
_struct_conf_type.criteria    ? 
_struct_conf_type.reference   ? 
# 
_struct_sheet.id               A 
_struct_sheet.type             ? 
_struct_sheet.number_strands   2 
_struct_sheet.details          ? 
# 
_struct_sheet_order.sheet_id     A 
_struct_sheet_order.range_id_1   1 
_struct_sheet_order.range_id_2   2 
_struct_sheet_order.offset       ? 
_struct_sheet_order.sense        anti-parallel 
# 
loop_
_struct_sheet_range.sheet_id 
_struct_sheet_range.id 
_struct_sheet_range.beg_label_comp_id 
_struct_sheet_range.beg_label_asym_id 
_struct_sheet_range.beg_label_seq_id 
_struct_sheet_range.pdbx_beg_PDB_ins_code 
_struct_sheet_range.end_label_comp_id 
_struct_sheet_range.end_label_asym_id 
_struct_sheet_range.end_label_seq_id 
_struct_sheet_range.pdbx_end_PDB_ins_code 
_struct_sheet_range.beg_auth_comp_id 
_struct_sheet_range.beg_auth_asym_id 
_struct_sheet_range.beg_auth_seq_id 
_struct_sheet_range.end_auth_comp_id 
_struct_sheet_range.end_auth_asym_id 
_struct_sheet_range.end_auth_seq_id 
A 1 ILE A 58 ? TYR A 60 ? ILE A 74 TYR A 76 
A 2 SER A 74 ? SER A 76 ? SER A 90 SER A 92 
# 
_pdbx_struct_sheet_hbond.sheet_id                A 
_pdbx_struct_sheet_hbond.range_id_1              1 
_pdbx_struct_sheet_hbond.range_id_2              2 
_pdbx_struct_sheet_hbond.range_1_label_atom_id   O 
_pdbx_struct_sheet_hbond.range_1_label_comp_id   VAL 
_pdbx_struct_sheet_hbond.range_1_label_asym_id   A 
_pdbx_struct_sheet_hbond.range_1_label_seq_id    59 
_pdbx_struct_sheet_hbond.range_1_PDB_ins_code    ? 
_pdbx_struct_sheet_hbond.range_1_auth_atom_id    O 
_pdbx_struct_sheet_hbond.range_1_auth_comp_id    VAL 
_pdbx_struct_sheet_hbond.range_1_auth_asym_id    A 
_pdbx_struct_sheet_hbond.range_1_auth_seq_id     75 
_pdbx_struct_sheet_hbond.range_2_label_atom_id   N 
_pdbx_struct_sheet_hbond.range_2_label_comp_id   PHE 
_pdbx_struct_sheet_hbond.range_2_label_asym_id   A 
_pdbx_struct_sheet_hbond.range_2_label_seq_id    75 
_pdbx_struct_sheet_hbond.range_2_PDB_ins_code    ? 
_pdbx_struct_sheet_hbond.range_2_auth_atom_id    N 
_pdbx_struct_sheet_hbond.range_2_auth_comp_id    PHE 
_pdbx_struct_sheet_hbond.range_2_auth_asym_id    A 
_pdbx_struct_sheet_hbond.range_2_auth_seq_id     91 
# 
loop_
_pdbx_validate_torsion.id 
_pdbx_validate_torsion.PDB_model_num 
_pdbx_validate_torsion.auth_comp_id 
_pdbx_validate_torsion.auth_asym_id 
_pdbx_validate_torsion.auth_seq_id 
_pdbx_validate_torsion.PDB_ins_code 
_pdbx_validate_torsion.label_alt_id 
_pdbx_validate_torsion.phi 
_pdbx_validate_torsion.psi 
1 1 ALA A 43 ? ? -69.28  90.74 
2 1 ARG A 65 ? ? 28.06   45.24 
3 1 GLN A 71 ? ? -105.81 79.07 
4 1 CYS A 77 ? ? -140.46 18.22 
# 
loop_
_pdbx_unobs_or_zero_occ_residues.id 
_pdbx_unobs_or_zero_occ_residues.PDB_model_num 
_pdbx_unobs_or_zero_occ_residues.polymer_flag 
_pdbx_unobs_or_zero_occ_residues.occupancy_flag 
_pdbx_unobs_or_zero_occ_residues.auth_asym_id 
_pdbx_unobs_or_zero_occ_residues.auth_comp_id 
_pdbx_unobs_or_zero_occ_residues.auth_seq_id 
_pdbx_unobs_or_zero_occ_residues.PDB_ins_code 
_pdbx_unobs_or_zero_occ_residues.label_asym_id 
_pdbx_unobs_or_zero_occ_residues.label_comp_id 
_pdbx_unobs_or_zero_occ_residues.label_seq_id 
1  1 Y 1 A SER 17  ? A SER 1   
2  1 Y 1 A GLN 18  ? A GLN 2   
3  1 Y 1 A ILE 19  ? A ILE 3   
4  1 Y 1 A PRO 20  ? A PRO 4   
5  1 Y 1 A ALA 21  ? A ALA 5   
6  1 Y 1 A SER 22  ? A SER 6   
7  1 Y 1 A GLU 23  ? A GLU 7   
8  1 Y 1 A GLN 24  ? A GLN 8   
9  1 Y 1 A VAL 110 ? A VAL 94  
10 1 Y 1 A ASN 111 ? A ASN 95  
11 1 Y 1 A GLN 112 ? A GLN 96  
12 1 Y 1 A GLN 113 ? A GLN 97  
13 1 Y 1 A GLU 114 ? A GLU 98  
14 1 Y 1 A SER 115 ? A SER 99  
15 1 Y 1 A SER 116 ? A SER 100 
16 1 Y 1 A ASP 117 ? A ASP 101 
17 1 Y 1 A SER 118 ? A SER 102 
18 1 Y 1 A GLY 119 ? A GLY 103 
19 1 Y 1 A THR 120 ? A THR 104 
20 1 Y 1 A SER 121 ? A SER 105 
21 1 Y 1 A VAL 122 ? A VAL 106 
22 1 Y 1 A SER 123 ? A SER 107 
23 1 Y 1 A GLU 124 ? A GLU 108 
24 1 Y 1 A ASN 125 ? A ASN 109 
25 1 Y 1 B SER 15  ? B SER 1   
26 1 Y 1 B GLN 16  ? B GLN 2   
# 
loop_
_chem_comp_atom.comp_id 
_chem_comp_atom.atom_id 
_chem_comp_atom.type_symbol 
_chem_comp_atom.pdbx_aromatic_flag 
_chem_comp_atom.pdbx_stereo_config 
_chem_comp_atom.pdbx_ordinal 
ALA N    N N N 1   
ALA CA   C N S 2   
ALA C    C N N 3   
ALA O    O N N 4   
ALA CB   C N N 5   
ALA OXT  O N N 6   
ALA H    H N N 7   
ALA H2   H N N 8   
ALA HA   H N N 9   
ALA HB1  H N N 10  
ALA HB2  H N N 11  
ALA HB3  H N N 12  
ALA HXT  H N N 13  
ARG N    N N N 14  
ARG CA   C N S 15  
ARG C    C N N 16  
ARG O    O N N 17  
ARG CB   C N N 18  
ARG CG   C N N 19  
ARG CD   C N N 20  
ARG NE   N N N 21  
ARG CZ   C N N 22  
ARG NH1  N N N 23  
ARG NH2  N N N 24  
ARG OXT  O N N 25  
ARG H    H N N 26  
ARG H2   H N N 27  
ARG HA   H N N 28  
ARG HB2  H N N 29  
ARG HB3  H N N 30  
ARG HG2  H N N 31  
ARG HG3  H N N 32  
ARG HD2  H N N 33  
ARG HD3  H N N 34  
ARG HE   H N N 35  
ARG HH11 H N N 36  
ARG HH12 H N N 37  
ARG HH21 H N N 38  
ARG HH22 H N N 39  
ARG HXT  H N N 40  
ASN N    N N N 41  
ASN CA   C N S 42  
ASN C    C N N 43  
ASN O    O N N 44  
ASN CB   C N N 45  
ASN CG   C N N 46  
ASN OD1  O N N 47  
ASN ND2  N N N 48  
ASN OXT  O N N 49  
ASN H    H N N 50  
ASN H2   H N N 51  
ASN HA   H N N 52  
ASN HB2  H N N 53  
ASN HB3  H N N 54  
ASN HD21 H N N 55  
ASN HD22 H N N 56  
ASN HXT  H N N 57  
ASP N    N N N 58  
ASP CA   C N S 59  
ASP C    C N N 60  
ASP O    O N N 61  
ASP CB   C N N 62  
ASP CG   C N N 63  
ASP OD1  O N N 64  
ASP OD2  O N N 65  
ASP OXT  O N N 66  
ASP H    H N N 67  
ASP H2   H N N 68  
ASP HA   H N N 69  
ASP HB2  H N N 70  
ASP HB3  H N N 71  
ASP HD2  H N N 72  
ASP HXT  H N N 73  
CYS N    N N N 74  
CYS CA   C N R 75  
CYS C    C N N 76  
CYS O    O N N 77  
CYS CB   C N N 78  
CYS SG   S N N 79  
CYS OXT  O N N 80  
CYS H    H N N 81  
CYS H2   H N N 82  
CYS HA   H N N 83  
CYS HB2  H N N 84  
CYS HB3  H N N 85  
CYS HG   H N N 86  
CYS HXT  H N N 87  
GLN N    N N N 88  
GLN CA   C N S 89  
GLN C    C N N 90  
GLN O    O N N 91  
GLN CB   C N N 92  
GLN CG   C N N 93  
GLN CD   C N N 94  
GLN OE1  O N N 95  
GLN NE2  N N N 96  
GLN OXT  O N N 97  
GLN H    H N N 98  
GLN H2   H N N 99  
GLN HA   H N N 100 
GLN HB2  H N N 101 
GLN HB3  H N N 102 
GLN HG2  H N N 103 
GLN HG3  H N N 104 
GLN HE21 H N N 105 
GLN HE22 H N N 106 
GLN HXT  H N N 107 
GLU N    N N N 108 
GLU CA   C N S 109 
GLU C    C N N 110 
GLU O    O N N 111 
GLU CB   C N N 112 
GLU CG   C N N 113 
GLU CD   C N N 114 
GLU OE1  O N N 115 
GLU OE2  O N N 116 
GLU OXT  O N N 117 
GLU H    H N N 118 
GLU H2   H N N 119 
GLU HA   H N N 120 
GLU HB2  H N N 121 
GLU HB3  H N N 122 
GLU HG2  H N N 123 
GLU HG3  H N N 124 
GLU HE2  H N N 125 
GLU HXT  H N N 126 
GLY N    N N N 127 
GLY CA   C N N 128 
GLY C    C N N 129 
GLY O    O N N 130 
GLY OXT  O N N 131 
GLY H    H N N 132 
GLY H2   H N N 133 
GLY HA2  H N N 134 
GLY HA3  H N N 135 
GLY HXT  H N N 136 
HIS N    N N N 137 
HIS CA   C N S 138 
HIS C    C N N 139 
HIS O    O N N 140 
HIS CB   C N N 141 
HIS CG   C Y N 142 
HIS ND1  N Y N 143 
HIS CD2  C Y N 144 
HIS CE1  C Y N 145 
HIS NE2  N Y N 146 
HIS OXT  O N N 147 
HIS H    H N N 148 
HIS H2   H N N 149 
HIS HA   H N N 150 
HIS HB2  H N N 151 
HIS HB3  H N N 152 
HIS HD1  H N N 153 
HIS HD2  H N N 154 
HIS HE1  H N N 155 
HIS HE2  H N N 156 
HIS HXT  H N N 157 
ILE N    N N N 158 
ILE CA   C N S 159 
ILE C    C N N 160 
ILE O    O N N 161 
ILE CB   C N S 162 
ILE CG1  C N N 163 
ILE CG2  C N N 164 
ILE CD1  C N N 165 
ILE OXT  O N N 166 
ILE H    H N N 167 
ILE H2   H N N 168 
ILE HA   H N N 169 
ILE HB   H N N 170 
ILE HG12 H N N 171 
ILE HG13 H N N 172 
ILE HG21 H N N 173 
ILE HG22 H N N 174 
ILE HG23 H N N 175 
ILE HD11 H N N 176 
ILE HD12 H N N 177 
ILE HD13 H N N 178 
ILE HXT  H N N 179 
LEU N    N N N 180 
LEU CA   C N S 181 
LEU C    C N N 182 
LEU O    O N N 183 
LEU CB   C N N 184 
LEU CG   C N N 185 
LEU CD1  C N N 186 
LEU CD2  C N N 187 
LEU OXT  O N N 188 
LEU H    H N N 189 
LEU H2   H N N 190 
LEU HA   H N N 191 
LEU HB2  H N N 192 
LEU HB3  H N N 193 
LEU HG   H N N 194 
LEU HD11 H N N 195 
LEU HD12 H N N 196 
LEU HD13 H N N 197 
LEU HD21 H N N 198 
LEU HD22 H N N 199 
LEU HD23 H N N 200 
LEU HXT  H N N 201 
LYS N    N N N 202 
LYS CA   C N S 203 
LYS C    C N N 204 
LYS O    O N N 205 
LYS CB   C N N 206 
LYS CG   C N N 207 
LYS CD   C N N 208 
LYS CE   C N N 209 
LYS NZ   N N N 210 
LYS OXT  O N N 211 
LYS H    H N N 212 
LYS H2   H N N 213 
LYS HA   H N N 214 
LYS HB2  H N N 215 
LYS HB3  H N N 216 
LYS HG2  H N N 217 
LYS HG3  H N N 218 
LYS HD2  H N N 219 
LYS HD3  H N N 220 
LYS HE2  H N N 221 
LYS HE3  H N N 222 
LYS HZ1  H N N 223 
LYS HZ2  H N N 224 
LYS HZ3  H N N 225 
LYS HXT  H N N 226 
MET N    N N N 227 
MET CA   C N S 228 
MET C    C N N 229 
MET O    O N N 230 
MET CB   C N N 231 
MET CG   C N N 232 
MET SD   S N N 233 
MET CE   C N N 234 
MET OXT  O N N 235 
MET H    H N N 236 
MET H2   H N N 237 
MET HA   H N N 238 
MET HB2  H N N 239 
MET HB3  H N N 240 
MET HG2  H N N 241 
MET HG3  H N N 242 
MET HE1  H N N 243 
MET HE2  H N N 244 
MET HE3  H N N 245 
MET HXT  H N N 246 
PHE N    N N N 247 
PHE CA   C N S 248 
PHE C    C N N 249 
PHE O    O N N 250 
PHE CB   C N N 251 
PHE CG   C Y N 252 
PHE CD1  C Y N 253 
PHE CD2  C Y N 254 
PHE CE1  C Y N 255 
PHE CE2  C Y N 256 
PHE CZ   C Y N 257 
PHE OXT  O N N 258 
PHE H    H N N 259 
PHE H2   H N N 260 
PHE HA   H N N 261 
PHE HB2  H N N 262 
PHE HB3  H N N 263 
PHE HD1  H N N 264 
PHE HD2  H N N 265 
PHE HE1  H N N 266 
PHE HE2  H N N 267 
PHE HZ   H N N 268 
PHE HXT  H N N 269 
PRO N    N N N 270 
PRO CA   C N S 271 
PRO C    C N N 272 
PRO O    O N N 273 
PRO CB   C N N 274 
PRO CG   C N N 275 
PRO CD   C N N 276 
PRO OXT  O N N 277 
PRO H    H N N 278 
PRO HA   H N N 279 
PRO HB2  H N N 280 
PRO HB3  H N N 281 
PRO HG2  H N N 282 
PRO HG3  H N N 283 
PRO HD2  H N N 284 
PRO HD3  H N N 285 
PRO HXT  H N N 286 
SER N    N N N 287 
SER CA   C N S 288 
SER C    C N N 289 
SER O    O N N 290 
SER CB   C N N 291 
SER OG   O N N 292 
SER OXT  O N N 293 
SER H    H N N 294 
SER H2   H N N 295 
SER HA   H N N 296 
SER HB2  H N N 297 
SER HB3  H N N 298 
SER HG   H N N 299 
SER HXT  H N N 300 
THR N    N N N 301 
THR CA   C N S 302 
THR C    C N N 303 
THR O    O N N 304 
THR CB   C N R 305 
THR OG1  O N N 306 
THR CG2  C N N 307 
THR OXT  O N N 308 
THR H    H N N 309 
THR H2   H N N 310 
THR HA   H N N 311 
THR HB   H N N 312 
THR HG1  H N N 313 
THR HG21 H N N 314 
THR HG22 H N N 315 
THR HG23 H N N 316 
THR HXT  H N N 317 
TRP N    N N N 318 
TRP CA   C N S 319 
TRP C    C N N 320 
TRP O    O N N 321 
TRP CB   C N N 322 
TRP CG   C Y N 323 
TRP CD1  C Y N 324 
TRP CD2  C Y N 325 
TRP NE1  N Y N 326 
TRP CE2  C Y N 327 
TRP CE3  C Y N 328 
TRP CZ2  C Y N 329 
TRP CZ3  C Y N 330 
TRP CH2  C Y N 331 
TRP OXT  O N N 332 
TRP H    H N N 333 
TRP H2   H N N 334 
TRP HA   H N N 335 
TRP HB2  H N N 336 
TRP HB3  H N N 337 
TRP HD1  H N N 338 
TRP HE1  H N N 339 
TRP HE3  H N N 340 
TRP HZ2  H N N 341 
TRP HZ3  H N N 342 
TRP HH2  H N N 343 
TRP HXT  H N N 344 
TYR N    N N N 345 
TYR CA   C N S 346 
TYR C    C N N 347 
TYR O    O N N 348 
TYR CB   C N N 349 
TYR CG   C Y N 350 
TYR CD1  C Y N 351 
TYR CD2  C Y N 352 
TYR CE1  C Y N 353 
TYR CE2  C Y N 354 
TYR CZ   C Y N 355 
TYR OH   O N N 356 
TYR OXT  O N N 357 
TYR H    H N N 358 
TYR H2   H N N 359 
TYR HA   H N N 360 
TYR HB2  H N N 361 
TYR HB3  H N N 362 
TYR HD1  H N N 363 
TYR HD2  H N N 364 
TYR HE1  H N N 365 
TYR HE2  H N N 366 
TYR HH   H N N 367 
TYR HXT  H N N 368 
VAL N    N N N 369 
VAL CA   C N S 370 
VAL C    C N N 371 
VAL O    O N N 372 
VAL CB   C N N 373 
VAL CG1  C N N 374 
VAL CG2  C N N 375 
VAL OXT  O N N 376 
VAL H    H N N 377 
VAL H2   H N N 378 
VAL HA   H N N 379 
VAL HB   H N N 380 
VAL HG11 H N N 381 
VAL HG12 H N N 382 
VAL HG13 H N N 383 
VAL HG21 H N N 384 
VAL HG22 H N N 385 
VAL HG23 H N N 386 
VAL HXT  H N N 387 
# 
loop_
_chem_comp_bond.comp_id 
_chem_comp_bond.atom_id_1 
_chem_comp_bond.atom_id_2 
_chem_comp_bond.value_order 
_chem_comp_bond.pdbx_aromatic_flag 
_chem_comp_bond.pdbx_stereo_config 
_chem_comp_bond.pdbx_ordinal 
ALA N   CA   sing N N 1   
ALA N   H    sing N N 2   
ALA N   H2   sing N N 3   
ALA CA  C    sing N N 4   
ALA CA  CB   sing N N 5   
ALA CA  HA   sing N N 6   
ALA C   O    doub N N 7   
ALA C   OXT  sing N N 8   
ALA CB  HB1  sing N N 9   
ALA CB  HB2  sing N N 10  
ALA CB  HB3  sing N N 11  
ALA OXT HXT  sing N N 12  
ARG N   CA   sing N N 13  
ARG N   H    sing N N 14  
ARG N   H2   sing N N 15  
ARG CA  C    sing N N 16  
ARG CA  CB   sing N N 17  
ARG CA  HA   sing N N 18  
ARG C   O    doub N N 19  
ARG C   OXT  sing N N 20  
ARG CB  CG   sing N N 21  
ARG CB  HB2  sing N N 22  
ARG CB  HB3  sing N N 23  
ARG CG  CD   sing N N 24  
ARG CG  HG2  sing N N 25  
ARG CG  HG3  sing N N 26  
ARG CD  NE   sing N N 27  
ARG CD  HD2  sing N N 28  
ARG CD  HD3  sing N N 29  
ARG NE  CZ   sing N N 30  
ARG NE  HE   sing N N 31  
ARG CZ  NH1  sing N N 32  
ARG CZ  NH2  doub N N 33  
ARG NH1 HH11 sing N N 34  
ARG NH1 HH12 sing N N 35  
ARG NH2 HH21 sing N N 36  
ARG NH2 HH22 sing N N 37  
ARG OXT HXT  sing N N 38  
ASN N   CA   sing N N 39  
ASN N   H    sing N N 40  
ASN N   H2   sing N N 41  
ASN CA  C    sing N N 42  
ASN CA  CB   sing N N 43  
ASN CA  HA   sing N N 44  
ASN C   O    doub N N 45  
ASN C   OXT  sing N N 46  
ASN CB  CG   sing N N 47  
ASN CB  HB2  sing N N 48  
ASN CB  HB3  sing N N 49  
ASN CG  OD1  doub N N 50  
ASN CG  ND2  sing N N 51  
ASN ND2 HD21 sing N N 52  
ASN ND2 HD22 sing N N 53  
ASN OXT HXT  sing N N 54  
ASP N   CA   sing N N 55  
ASP N   H    sing N N 56  
ASP N   H2   sing N N 57  
ASP CA  C    sing N N 58  
ASP CA  CB   sing N N 59  
ASP CA  HA   sing N N 60  
ASP C   O    doub N N 61  
ASP C   OXT  sing N N 62  
ASP CB  CG   sing N N 63  
ASP CB  HB2  sing N N 64  
ASP CB  HB3  sing N N 65  
ASP CG  OD1  doub N N 66  
ASP CG  OD2  sing N N 67  
ASP OD2 HD2  sing N N 68  
ASP OXT HXT  sing N N 69  
CYS N   CA   sing N N 70  
CYS N   H    sing N N 71  
CYS N   H2   sing N N 72  
CYS CA  C    sing N N 73  
CYS CA  CB   sing N N 74  
CYS CA  HA   sing N N 75  
CYS C   O    doub N N 76  
CYS C   OXT  sing N N 77  
CYS CB  SG   sing N N 78  
CYS CB  HB2  sing N N 79  
CYS CB  HB3  sing N N 80  
CYS SG  HG   sing N N 81  
CYS OXT HXT  sing N N 82  
GLN N   CA   sing N N 83  
GLN N   H    sing N N 84  
GLN N   H2   sing N N 85  
GLN CA  C    sing N N 86  
GLN CA  CB   sing N N 87  
GLN CA  HA   sing N N 88  
GLN C   O    doub N N 89  
GLN C   OXT  sing N N 90  
GLN CB  CG   sing N N 91  
GLN CB  HB2  sing N N 92  
GLN CB  HB3  sing N N 93  
GLN CG  CD   sing N N 94  
GLN CG  HG2  sing N N 95  
GLN CG  HG3  sing N N 96  
GLN CD  OE1  doub N N 97  
GLN CD  NE2  sing N N 98  
GLN NE2 HE21 sing N N 99  
GLN NE2 HE22 sing N N 100 
GLN OXT HXT  sing N N 101 
GLU N   CA   sing N N 102 
GLU N   H    sing N N 103 
GLU N   H2   sing N N 104 
GLU CA  C    sing N N 105 
GLU CA  CB   sing N N 106 
GLU CA  HA   sing N N 107 
GLU C   O    doub N N 108 
GLU C   OXT  sing N N 109 
GLU CB  CG   sing N N 110 
GLU CB  HB2  sing N N 111 
GLU CB  HB3  sing N N 112 
GLU CG  CD   sing N N 113 
GLU CG  HG2  sing N N 114 
GLU CG  HG3  sing N N 115 
GLU CD  OE1  doub N N 116 
GLU CD  OE2  sing N N 117 
GLU OE2 HE2  sing N N 118 
GLU OXT HXT  sing N N 119 
GLY N   CA   sing N N 120 
GLY N   H    sing N N 121 
GLY N   H2   sing N N 122 
GLY CA  C    sing N N 123 
GLY CA  HA2  sing N N 124 
GLY CA  HA3  sing N N 125 
GLY C   O    doub N N 126 
GLY C   OXT  sing N N 127 
GLY OXT HXT  sing N N 128 
HIS N   CA   sing N N 129 
HIS N   H    sing N N 130 
HIS N   H2   sing N N 131 
HIS CA  C    sing N N 132 
HIS CA  CB   sing N N 133 
HIS CA  HA   sing N N 134 
HIS C   O    doub N N 135 
HIS C   OXT  sing N N 136 
HIS CB  CG   sing N N 137 
HIS CB  HB2  sing N N 138 
HIS CB  HB3  sing N N 139 
HIS CG  ND1  sing Y N 140 
HIS CG  CD2  doub Y N 141 
HIS ND1 CE1  doub Y N 142 
HIS ND1 HD1  sing N N 143 
HIS CD2 NE2  sing Y N 144 
HIS CD2 HD2  sing N N 145 
HIS CE1 NE2  sing Y N 146 
HIS CE1 HE1  sing N N 147 
HIS NE2 HE2  sing N N 148 
HIS OXT HXT  sing N N 149 
ILE N   CA   sing N N 150 
ILE N   H    sing N N 151 
ILE N   H2   sing N N 152 
ILE CA  C    sing N N 153 
ILE CA  CB   sing N N 154 
ILE CA  HA   sing N N 155 
ILE C   O    doub N N 156 
ILE C   OXT  sing N N 157 
ILE CB  CG1  sing N N 158 
ILE CB  CG2  sing N N 159 
ILE CB  HB   sing N N 160 
ILE CG1 CD1  sing N N 161 
ILE CG1 HG12 sing N N 162 
ILE CG1 HG13 sing N N 163 
ILE CG2 HG21 sing N N 164 
ILE CG2 HG22 sing N N 165 
ILE CG2 HG23 sing N N 166 
ILE CD1 HD11 sing N N 167 
ILE CD1 HD12 sing N N 168 
ILE CD1 HD13 sing N N 169 
ILE OXT HXT  sing N N 170 
LEU N   CA   sing N N 171 
LEU N   H    sing N N 172 
LEU N   H2   sing N N 173 
LEU CA  C    sing N N 174 
LEU CA  CB   sing N N 175 
LEU CA  HA   sing N N 176 
LEU C   O    doub N N 177 
LEU C   OXT  sing N N 178 
LEU CB  CG   sing N N 179 
LEU CB  HB2  sing N N 180 
LEU CB  HB3  sing N N 181 
LEU CG  CD1  sing N N 182 
LEU CG  CD2  sing N N 183 
LEU CG  HG   sing N N 184 
LEU CD1 HD11 sing N N 185 
LEU CD1 HD12 sing N N 186 
LEU CD1 HD13 sing N N 187 
LEU CD2 HD21 sing N N 188 
LEU CD2 HD22 sing N N 189 
LEU CD2 HD23 sing N N 190 
LEU OXT HXT  sing N N 191 
LYS N   CA   sing N N 192 
LYS N   H    sing N N 193 
LYS N   H2   sing N N 194 
LYS CA  C    sing N N 195 
LYS CA  CB   sing N N 196 
LYS CA  HA   sing N N 197 
LYS C   O    doub N N 198 
LYS C   OXT  sing N N 199 
LYS CB  CG   sing N N 200 
LYS CB  HB2  sing N N 201 
LYS CB  HB3  sing N N 202 
LYS CG  CD   sing N N 203 
LYS CG  HG2  sing N N 204 
LYS CG  HG3  sing N N 205 
LYS CD  CE   sing N N 206 
LYS CD  HD2  sing N N 207 
LYS CD  HD3  sing N N 208 
LYS CE  NZ   sing N N 209 
LYS CE  HE2  sing N N 210 
LYS CE  HE3  sing N N 211 
LYS NZ  HZ1  sing N N 212 
LYS NZ  HZ2  sing N N 213 
LYS NZ  HZ3  sing N N 214 
LYS OXT HXT  sing N N 215 
MET N   CA   sing N N 216 
MET N   H    sing N N 217 
MET N   H2   sing N N 218 
MET CA  C    sing N N 219 
MET CA  CB   sing N N 220 
MET CA  HA   sing N N 221 
MET C   O    doub N N 222 
MET C   OXT  sing N N 223 
MET CB  CG   sing N N 224 
MET CB  HB2  sing N N 225 
MET CB  HB3  sing N N 226 
MET CG  SD   sing N N 227 
MET CG  HG2  sing N N 228 
MET CG  HG3  sing N N 229 
MET SD  CE   sing N N 230 
MET CE  HE1  sing N N 231 
MET CE  HE2  sing N N 232 
MET CE  HE3  sing N N 233 
MET OXT HXT  sing N N 234 
PHE N   CA   sing N N 235 
PHE N   H    sing N N 236 
PHE N   H2   sing N N 237 
PHE CA  C    sing N N 238 
PHE CA  CB   sing N N 239 
PHE CA  HA   sing N N 240 
PHE C   O    doub N N 241 
PHE C   OXT  sing N N 242 
PHE CB  CG   sing N N 243 
PHE CB  HB2  sing N N 244 
PHE CB  HB3  sing N N 245 
PHE CG  CD1  doub Y N 246 
PHE CG  CD2  sing Y N 247 
PHE CD1 CE1  sing Y N 248 
PHE CD1 HD1  sing N N 249 
PHE CD2 CE2  doub Y N 250 
PHE CD2 HD2  sing N N 251 
PHE CE1 CZ   doub Y N 252 
PHE CE1 HE1  sing N N 253 
PHE CE2 CZ   sing Y N 254 
PHE CE2 HE2  sing N N 255 
PHE CZ  HZ   sing N N 256 
PHE OXT HXT  sing N N 257 
PRO N   CA   sing N N 258 
PRO N   CD   sing N N 259 
PRO N   H    sing N N 260 
PRO CA  C    sing N N 261 
PRO CA  CB   sing N N 262 
PRO CA  HA   sing N N 263 
PRO C   O    doub N N 264 
PRO C   OXT  sing N N 265 
PRO CB  CG   sing N N 266 
PRO CB  HB2  sing N N 267 
PRO CB  HB3  sing N N 268 
PRO CG  CD   sing N N 269 
PRO CG  HG2  sing N N 270 
PRO CG  HG3  sing N N 271 
PRO CD  HD2  sing N N 272 
PRO CD  HD3  sing N N 273 
PRO OXT HXT  sing N N 274 
SER N   CA   sing N N 275 
SER N   H    sing N N 276 
SER N   H2   sing N N 277 
SER CA  C    sing N N 278 
SER CA  CB   sing N N 279 
SER CA  HA   sing N N 280 
SER C   O    doub N N 281 
SER C   OXT  sing N N 282 
SER CB  OG   sing N N 283 
SER CB  HB2  sing N N 284 
SER CB  HB3  sing N N 285 
SER OG  HG   sing N N 286 
SER OXT HXT  sing N N 287 
THR N   CA   sing N N 288 
THR N   H    sing N N 289 
THR N   H2   sing N N 290 
THR CA  C    sing N N 291 
THR CA  CB   sing N N 292 
THR CA  HA   sing N N 293 
THR C   O    doub N N 294 
THR C   OXT  sing N N 295 
THR CB  OG1  sing N N 296 
THR CB  CG2  sing N N 297 
THR CB  HB   sing N N 298 
THR OG1 HG1  sing N N 299 
THR CG2 HG21 sing N N 300 
THR CG2 HG22 sing N N 301 
THR CG2 HG23 sing N N 302 
THR OXT HXT  sing N N 303 
TRP N   CA   sing N N 304 
TRP N   H    sing N N 305 
TRP N   H2   sing N N 306 
TRP CA  C    sing N N 307 
TRP CA  CB   sing N N 308 
TRP CA  HA   sing N N 309 
TRP C   O    doub N N 310 
TRP C   OXT  sing N N 311 
TRP CB  CG   sing N N 312 
TRP CB  HB2  sing N N 313 
TRP CB  HB3  sing N N 314 
TRP CG  CD1  doub Y N 315 
TRP CG  CD2  sing Y N 316 
TRP CD1 NE1  sing Y N 317 
TRP CD1 HD1  sing N N 318 
TRP CD2 CE2  doub Y N 319 
TRP CD2 CE3  sing Y N 320 
TRP NE1 CE2  sing Y N 321 
TRP NE1 HE1  sing N N 322 
TRP CE2 CZ2  sing Y N 323 
TRP CE3 CZ3  doub Y N 324 
TRP CE3 HE3  sing N N 325 
TRP CZ2 CH2  doub Y N 326 
TRP CZ2 HZ2  sing N N 327 
TRP CZ3 CH2  sing Y N 328 
TRP CZ3 HZ3  sing N N 329 
TRP CH2 HH2  sing N N 330 
TRP OXT HXT  sing N N 331 
TYR N   CA   sing N N 332 
TYR N   H    sing N N 333 
TYR N   H2   sing N N 334 
TYR CA  C    sing N N 335 
TYR CA  CB   sing N N 336 
TYR CA  HA   sing N N 337 
TYR C   O    doub N N 338 
TYR C   OXT  sing N N 339 
TYR CB  CG   sing N N 340 
TYR CB  HB2  sing N N 341 
TYR CB  HB3  sing N N 342 
TYR CG  CD1  doub Y N 343 
TYR CG  CD2  sing Y N 344 
TYR CD1 CE1  sing Y N 345 
TYR CD1 HD1  sing N N 346 
TYR CD2 CE2  doub Y N 347 
TYR CD2 HD2  sing N N 348 
TYR CE1 CZ   doub Y N 349 
TYR CE1 HE1  sing N N 350 
TYR CE2 CZ   sing Y N 351 
TYR CE2 HE2  sing N N 352 
TYR CZ  OH   sing N N 353 
TYR OH  HH   sing N N 354 
TYR OXT HXT  sing N N 355 
VAL N   CA   sing N N 356 
VAL N   H    sing N N 357 
VAL N   H2   sing N N 358 
VAL CA  C    sing N N 359 
VAL CA  CB   sing N N 360 
VAL CA  HA   sing N N 361 
VAL C   O    doub N N 362 
VAL C   OXT  sing N N 363 
VAL CB  CG1  sing N N 364 
VAL CB  CG2  sing N N 365 
VAL CB  HB   sing N N 366 
VAL CG1 HG11 sing N N 367 
VAL CG1 HG12 sing N N 368 
VAL CG1 HG13 sing N N 369 
VAL CG2 HG21 sing N N 370 
VAL CG2 HG22 sing N N 371 
VAL CG2 HG23 sing N N 372 
VAL OXT HXT  sing N N 373 
# 
_atom_sites.entry_id                    1YCR 
_atom_sites.fract_transf_matrix[1][1]   -0.01015682 
_atom_sites.fract_transf_matrix[1][2]   -0.01476592 
_atom_sites.fract_transf_matrix[1][3]   0.01446969 
_atom_sites.fract_transf_matrix[2][1]   0.00696941 
_atom_sites.fract_transf_matrix[2][2]   -0.00679547 
_atom_sites.fract_transf_matrix[2][3]   -0.00204250 
_atom_sites.fract_transf_matrix[3][1]   0.01022479 
_atom_sites.fract_transf_matrix[3][2]   0.00637418 
_atom_sites.fract_transf_matrix[3][3]   0.01368184 
_atom_sites.fract_transf_vector[1]      0.673914 
_atom_sites.fract_transf_vector[2]      -0.165488 
_atom_sites.fract_transf_vector[3]      -0.076564 
# 
loop_
_atom_type.symbol 
C 
N 
O 
S 
# 
loop_
_atom_site.group_PDB 
_atom_site.id 
_atom_site.type_symbol 
_atom_site.label_atom_id 
_atom_site.label_alt_id 
_atom_site.label_comp_id 
_atom_site.label_asym_id 
_atom_site.label_entity_id 
_atom_site.label_seq_id 
_atom_site.pdbx_PDB_ins_code 
_atom_site.Cartn_x 
_atom_site.Cartn_y 
_atom_site.Cartn_z 
_atom_site.occupancy 
_atom_site.B_iso_or_equiv 
_atom_site.pdbx_formal_charge 
_atom_site.auth_seq_id 
_atom_site.auth_comp_id 
_atom_site.auth_asym_id 
_atom_site.auth_atom_id 
_atom_site.pdbx_PDB_model_num 
ATOM 1   N N   . GLU A 1 9  ? 10.736  8.420   -13.252 1.00 49.08 ? 25  GLU A N   1 
ATOM 2   C CA  . GLU A 1 9  ? 10.158  9.324   -12.221 1.00 50.43 ? 25  GLU A CA  1 
ATOM 3   C C   . GLU A 1 9  ? 10.947  9.015   -10.956 1.00 49.75 ? 25  GLU A C   1 
ATOM 4   O O   . GLU A 1 9  ? 12.177  9.069   -10.982 1.00 49.34 ? 25  GLU A O   1 
ATOM 5   C CB  . GLU A 1 9  ? 8.667   9.029   -12.054 1.00 53.69 ? 25  GLU A CB  1 
ATOM 6   C CG  . GLU A 1 9  ? 7.903   9.058   -13.375 1.00 57.47 ? 25  GLU A CG  1 
ATOM 7   C CD  . GLU A 1 9  ? 6.392   8.940   -13.203 1.00 61.03 ? 25  GLU A CD  1 
ATOM 8   O OE1 . GLU A 1 9  ? 5.774   9.877   -12.641 1.00 61.91 ? 25  GLU A OE1 1 
ATOM 9   O OE2 . GLU A 1 9  ? 5.823   7.914   -13.648 1.00 62.06 ? 25  GLU A OE2 1 
ATOM 10  N N   . THR A 1 10 ? 10.270  8.690   -9.859  1.00 49.81 ? 26  THR A N   1 
ATOM 11  C CA  . THR A 1 10 ? 10.976  8.327   -8.633  1.00 48.43 ? 26  THR A CA  1 
ATOM 12  C C   . THR A 1 10 ? 11.124  6.820   -8.695  1.00 44.63 ? 26  THR A C   1 
ATOM 13  O O   . THR A 1 10 ? 10.136  6.105   -8.525  1.00 45.84 ? 26  THR A O   1 
ATOM 14  C CB  . THR A 1 10 ? 10.162  8.652   -7.374  1.00 49.13 ? 26  THR A CB  1 
ATOM 15  O OG1 . THR A 1 10 ? 8.863   8.059   -7.490  1.00 49.45 ? 26  THR A OG1 1 
ATOM 16  C CG2 . THR A 1 10 ? 10.047  10.163  -7.176  1.00 49.70 ? 26  THR A CG2 1 
ATOM 17  N N   . LEU A 1 11 ? 12.310  6.340   -9.048  1.00 38.63 ? 27  LEU A N   1 
ATOM 18  C CA  . LEU A 1 11 ? 12.532  4.905   -9.112  1.00 35.16 ? 27  LEU A CA  1 
ATOM 19  C C   . LEU A 1 11 ? 12.943  4.388   -7.737  1.00 32.59 ? 27  LEU A C   1 
ATOM 20  O O   . LEU A 1 11 ? 13.943  4.835   -7.186  1.00 30.66 ? 27  LEU A O   1 
ATOM 21  C CB  . LEU A 1 11 ? 13.585  4.558   -10.165 1.00 32.87 ? 27  LEU A CB  1 
ATOM 22  C CG  . LEU A 1 11 ? 13.110  4.439   -11.613 1.00 29.89 ? 27  LEU A CG  1 
ATOM 23  C CD1 . LEU A 1 11 ? 13.189  3.010   -12.051 1.00 29.32 ? 27  LEU A CD1 1 
ATOM 24  C CD2 . LEU A 1 11 ? 11.697  4.934   -11.765 1.00 27.86 ? 27  LEU A CD2 1 
ATOM 25  N N   . VAL A 1 12 ? 12.126  3.503   -7.168  1.00 30.41 ? 28  VAL A N   1 
ATOM 26  C CA  . VAL A 1 12 ? 12.388  2.924   -5.854  1.00 26.97 ? 28  VAL A CA  1 
ATOM 27  C C   . VAL A 1 12 ? 12.555  1.421   -5.976  1.00 29.59 ? 28  VAL A C   1 
ATOM 28  O O   . VAL A 1 12 ? 12.163  0.828   -6.983  1.00 29.91 ? 28  VAL A O   1 
ATOM 29  C CB  . VAL A 1 12 ? 11.246  3.240   -4.829  1.00 20.37 ? 28  VAL A CB  1 
ATOM 30  C CG1 . VAL A 1 12 ? 11.151  4.724   -4.591  1.00 17.22 ? 28  VAL A CG1 1 
ATOM 31  C CG2 . VAL A 1 12 ? 9.913   2.694   -5.317  1.00 19.17 ? 28  VAL A CG2 1 
ATOM 32  N N   . ARG A 1 13 ? 13.192  0.831   -4.971  1.00 33.20 ? 29  ARG A N   1 
ATOM 33  C CA  . ARG A 1 13 ? 13.414  -0.613  -4.912  1.00 37.19 ? 29  ARG A CA  1 
ATOM 34  C C   . ARG A 1 13 ? 12.742  -1.038  -3.619  1.00 34.37 ? 29  ARG A C   1 
ATOM 35  O O   . ARG A 1 13 ? 13.123  -0.571  -2.546  1.00 35.05 ? 29  ARG A O   1 
ATOM 36  C CB  . ARG A 1 13 ? 14.903  -0.917  -4.831  1.00 46.45 ? 29  ARG A CB  1 
ATOM 37  C CG  . ARG A 1 13 ? 15.249  -2.374  -5.046  1.00 56.87 ? 29  ARG A CG  1 
ATOM 38  C CD  . ARG A 1 13 ? 16.763  -2.606  -5.066  1.00 62.95 ? 29  ARG A CD  1 
ATOM 39  N NE  . ARG A 1 13 ? 17.500  -1.799  -6.052  1.00 67.51 ? 29  ARG A NE  1 
ATOM 40  C CZ  . ARG A 1 13 ? 17.363  -1.877  -7.381  1.00 69.80 ? 29  ARG A CZ  1 
ATOM 41  N NH1 . ARG A 1 13 ? 16.506  -2.729  -7.937  1.00 70.00 ? 29  ARG A NH1 1 
ATOM 42  N NH2 . ARG A 1 13 ? 18.113  -1.113  -8.168  1.00 70.00 ? 29  ARG A NH2 1 
ATOM 43  N N   . PRO A 1 14 ? 11.692  -1.871  -3.702  1.00 32.61 ? 30  PRO A N   1 
ATOM 44  C CA  . PRO A 1 14 ? 10.987  -2.319  -2.502  1.00 31.66 ? 30  PRO A CA  1 
ATOM 45  C C   . PRO A 1 14 ? 11.752  -3.319  -1.630  1.00 31.16 ? 30  PRO A C   1 
ATOM 46  O O   . PRO A 1 14 ? 12.443  -4.220  -2.133  1.00 33.84 ? 30  PRO A O   1 
ATOM 47  C CB  . PRO A 1 14 ? 9.704   -2.916  -3.077  1.00 31.15 ? 30  PRO A CB  1 
ATOM 48  C CG  . PRO A 1 14 ? 10.165  -3.507  -4.349  1.00 31.13 ? 30  PRO A CG  1 
ATOM 49  C CD  . PRO A 1 14 ? 11.058  -2.428  -4.911  1.00 32.34 ? 30  PRO A CD  1 
ATOM 50  N N   . LYS A 1 15 ? 11.642  -3.127  -0.319  1.00 26.84 ? 31  LYS A N   1 
ATOM 51  C CA  . LYS A 1 15 ? 12.280  -3.992  0.653   1.00 25.65 ? 31  LYS A CA  1 
ATOM 52  C C   . LYS A 1 15 ? 11.620  -5.374  0.611   1.00 25.77 ? 31  LYS A C   1 
ATOM 53  O O   . LYS A 1 15 ? 10.478  -5.506  0.167   1.00 24.89 ? 31  LYS A O   1 
ATOM 54  C CB  . LYS A 1 15 ? 12.227  -3.349  2.046   1.00 27.30 ? 31  LYS A CB  1 
ATOM 55  C CG  . LYS A 1 15 ? 13.306  -2.273  2.228   1.00 28.71 ? 31  LYS A CG  1 
ATOM 56  C CD  . LYS A 1 15 ? 13.243  -1.541  3.573   1.00 31.15 ? 31  LYS A CD  1 
ATOM 57  C CE  . LYS A 1 15 ? 14.367  -0.493  3.669   1.00 31.90 ? 31  LYS A CE  1 
ATOM 58  N NZ  . LYS A 1 15 ? 14.157  0.611   4.676   1.00 32.60 ? 31  LYS A NZ  1 
ATOM 59  N N   . PRO A 1 16 ? 12.317  -6.415  1.104   1.00 27.32 ? 32  PRO A N   1 
ATOM 60  C CA  . PRO A 1 16 ? 11.875  -7.819  1.144   1.00 28.83 ? 32  PRO A CA  1 
ATOM 61  C C   . PRO A 1 16 ? 10.387  -8.109  1.405   1.00 28.49 ? 32  PRO A C   1 
ATOM 62  O O   . PRO A 1 16 ? 9.721   -8.765  0.592   1.00 26.97 ? 32  PRO A O   1 
ATOM 63  C CB  . PRO A 1 16 ? 12.774  -8.412  2.225   1.00 30.47 ? 32  PRO A CB  1 
ATOM 64  C CG  . PRO A 1 16 ? 14.046  -7.668  2.020   1.00 29.36 ? 32  PRO A CG  1 
ATOM 65  C CD  . PRO A 1 16 ? 13.551  -6.258  1.898   1.00 27.44 ? 32  PRO A CD  1 
ATOM 66  N N   . LEU A 1 17 ? 9.870   -7.649  2.541   1.00 28.99 ? 33  LEU A N   1 
ATOM 67  C CA  . LEU A 1 17 ? 8.469   -7.879  2.859   1.00 30.75 ? 33  LEU A CA  1 
ATOM 68  C C   . LEU A 1 17 ? 7.552   -7.264  1.791   1.00 29.16 ? 33  LEU A C   1 
ATOM 69  O O   . LEU A 1 17 ? 6.636   -7.929  1.277   1.00 28.31 ? 33  LEU A O   1 
ATOM 70  C CB  . LEU A 1 17 ? 8.146   -7.305  4.244   1.00 34.41 ? 33  LEU A CB  1 
ATOM 71  C CG  . LEU A 1 17 ? 7.769   -8.254  5.397   1.00 36.11 ? 33  LEU A CG  1 
ATOM 72  C CD1 . LEU A 1 17 ? 8.902   -9.221  5.687   1.00 35.52 ? 33  LEU A CD1 1 
ATOM 73  C CD2 . LEU A 1 17 ? 7.432   -7.437  6.646   1.00 36.44 ? 33  LEU A CD2 1 
ATOM 74  N N   . LEU A 1 18 ? 7.851   -6.019  1.417   1.00 26.60 ? 34  LEU A N   1 
ATOM 75  C CA  . LEU A 1 18 ? 7.067   -5.290  0.427   1.00 24.24 ? 34  LEU A CA  1 
ATOM 76  C C   . LEU A 1 18 ? 7.166   -5.884  -0.964  1.00 23.47 ? 34  LEU A C   1 
ATOM 77  O O   . LEU A 1 18 ? 6.204   -5.858  -1.732  1.00 24.63 ? 34  LEU A O   1 
ATOM 78  C CB  . LEU A 1 18 ? 7.478   -3.817  0.395   1.00 23.85 ? 34  LEU A CB  1 
ATOM 79  C CG  . LEU A 1 18 ? 6.718   -2.941  -0.610  1.00 22.79 ? 34  LEU A CG  1 
ATOM 80  C CD1 . LEU A 1 18 ? 5.240   -2.960  -0.266  1.00 20.28 ? 34  LEU A CD1 1 
ATOM 81  C CD2 . LEU A 1 18 ? 7.289   -1.513  -0.626  1.00 22.38 ? 34  LEU A CD2 1 
ATOM 82  N N   . LEU A 1 19 ? 8.326   -6.425  -1.293  1.00 22.96 ? 35  LEU A N   1 
ATOM 83  C CA  . LEU A 1 19 ? 8.519   -7.023  -2.606  1.00 23.98 ? 35  LEU A CA  1 
ATOM 84  C C   . LEU A 1 19 ? 7.663   -8.287  -2.739  1.00 26.54 ? 35  LEU A C   1 
ATOM 85  O O   . LEU A 1 19 ? 7.091   -8.562  -3.802  1.00 27.25 ? 35  LEU A O   1 
ATOM 86  C CB  . LEU A 1 19 ? 9.991   -7.328  -2.811  1.00 22.75 ? 35  LEU A CB  1 
ATOM 87  C CG  . LEU A 1 19 ? 10.498  -7.367  -4.246  1.00 23.66 ? 35  LEU A CG  1 
ATOM 88  C CD1 . LEU A 1 19 ? 11.033  -8.763  -4.481  1.00 26.56 ? 35  LEU A CD1 1 
ATOM 89  C CD2 . LEU A 1 19 ? 9.427   -6.969  -5.270  1.00 21.58 ? 35  LEU A CD2 1 
ATOM 90  N N   . LYS A 1 20 ? 7.569   -9.028  -1.638  1.00 28.69 ? 36  LYS A N   1 
ATOM 91  C CA  . LYS A 1 20 ? 6.776   -10.255 -1.529  1.00 31.72 ? 36  LYS A CA  1 
ATOM 92  C C   . LYS A 1 20 ? 5.277   -9.903  -1.703  1.00 31.71 ? 36  LYS A C   1 
ATOM 93  O O   . LYS A 1 20 ? 4.541   -10.580 -2.426  1.00 33.69 ? 36  LYS A O   1 
ATOM 94  C CB  . LYS A 1 20 ? 7.023   -10.857 -0.146  1.00 35.41 ? 36  LYS A CB  1 
ATOM 95  C CG  . LYS A 1 20 ? 6.261   -12.116 0.152   1.00 39.49 ? 36  LYS A CG  1 
ATOM 96  C CD  . LYS A 1 20 ? 6.358   -12.437 1.635   1.00 43.89 ? 36  LYS A CD  1 
ATOM 97  C CE  . LYS A 1 20 ? 7.808   -12.458 2.116   1.00 46.95 ? 36  LYS A CE  1 
ATOM 98  N NZ  . LYS A 1 20 ? 7.979   -13.023 3.495   1.00 47.38 ? 36  LYS A NZ  1 
ATOM 99  N N   . LEU A 1 21 ? 4.841   -8.853  -1.012  1.00 27.34 ? 37  LEU A N   1 
ATOM 100 C CA  . LEU A 1 21 ? 3.478   -8.341  -1.089  1.00 24.68 ? 37  LEU A CA  1 
ATOM 101 C C   . LEU A 1 21 ? 3.188   -8.002  -2.552  1.00 25.88 ? 37  LEU A C   1 
ATOM 102 O O   . LEU A 1 21 ? 2.112   -8.288  -3.069  1.00 23.86 ? 37  LEU A O   1 
ATOM 103 C CB  . LEU A 1 21 ? 3.417   -7.056  -0.256  1.00 25.16 ? 37  LEU A CB  1 
ATOM 104 C CG  . LEU A 1 21 ? 2.186   -6.193  0.042   1.00 26.21 ? 37  LEU A CG  1 
ATOM 105 C CD1 . LEU A 1 21 ? 1.305   -6.021  -1.177  1.00 27.27 ? 37  LEU A CD1 1 
ATOM 106 C CD2 . LEU A 1 21 ? 1.420   -6.811  1.177   1.00 26.79 ? 37  LEU A CD2 1 
ATOM 107 N N   . LEU A 1 22 ? 4.163   -7.366  -3.206  1.00 30.28 ? 38  LEU A N   1 
ATOM 108 C CA  . LEU A 1 22 ? 4.049   -6.944  -4.606  1.00 29.47 ? 38  LEU A CA  1 
ATOM 109 C C   . LEU A 1 22 ? 3.908   -8.115  -5.553  1.00 31.49 ? 38  LEU A C   1 
ATOM 110 O O   . LEU A 1 22 ? 2.975   -8.151  -6.356  1.00 31.19 ? 38  LEU A O   1 
ATOM 111 C CB  . LEU A 1 22 ? 5.252   -6.080  -5.003  1.00 24.98 ? 38  LEU A CB  1 
ATOM 112 C CG  . LEU A 1 22 ? 5.067   -4.570  -5.209  1.00 20.36 ? 38  LEU A CG  1 
ATOM 113 C CD1 . LEU A 1 22 ? 3.907   -4.027  -4.440  1.00 17.92 ? 38  LEU A CD1 1 
ATOM 114 C CD2 . LEU A 1 22 ? 6.334   -3.876  -4.788  1.00 20.85 ? 38  LEU A CD2 1 
ATOM 115 N N   . LYS A 1 23 ? 4.829   -9.076  -5.452  1.00 33.42 ? 39  LYS A N   1 
ATOM 116 C CA  . LYS A 1 23 ? 4.787   -10.261 -6.304  1.00 34.82 ? 39  LYS A CA  1 
ATOM 117 C C   . LYS A 1 23 ? 3.421   -10.899 -6.154  1.00 35.75 ? 39  LYS A C   1 
ATOM 118 O O   . LYS A 1 23 ? 2.780   -11.252 -7.148  1.00 37.32 ? 39  LYS A O   1 
ATOM 119 C CB  . LYS A 1 23 ? 5.875   -11.273 -5.925  1.00 38.06 ? 39  LYS A CB  1 
ATOM 120 C CG  . LYS A 1 23 ? 7.306   -10.749 -6.039  1.00 41.92 ? 39  LYS A CG  1 
ATOM 121 C CD  . LYS A 1 23 ? 7.459   -9.867  -7.266  1.00 44.44 ? 39  LYS A CD  1 
ATOM 122 C CE  . LYS A 1 23 ? 8.845   -9.266  -7.430  1.00 46.35 ? 39  LYS A CE  1 
ATOM 123 N NZ  . LYS A 1 23 ? 9.816   -10.199 -8.080  1.00 46.80 ? 39  LYS A NZ  1 
ATOM 124 N N   . SER A 1 24 ? 2.935   -10.942 -4.917  1.00 36.07 ? 40  SER A N   1 
ATOM 125 C CA  . SER A 1 24 ? 1.638   -11.531 -4.624  1.00 36.72 ? 40  SER A CA  1 
ATOM 126 C C   . SER A 1 24 ? 0.546   -11.037 -5.581  1.00 37.40 ? 40  SER A C   1 
ATOM 127 O O   . SER A 1 24 ? -0.405  -11.772 -5.864  1.00 39.94 ? 40  SER A O   1 
ATOM 128 C CB  . SER A 1 24 ? 1.244   -11.262 -3.167  1.00 37.52 ? 40  SER A CB  1 
ATOM 129 O OG  . SER A 1 24 ? 0.431   -10.111 -3.050  1.00 39.51 ? 40  SER A OG  1 
ATOM 130 N N   . VAL A 1 25 ? 0.684   -9.814  -6.098  1.00 34.16 ? 41  VAL A N   1 
ATOM 131 C CA  . VAL A 1 25 ? -0.328  -9.296  -7.012  1.00 30.18 ? 41  VAL A CA  1 
ATOM 132 C C   . VAL A 1 25 ? 0.102   -9.215  -8.457  1.00 29.68 ? 41  VAL A C   1 
ATOM 133 O O   . VAL A 1 25 ? -0.504  -8.485  -9.233  1.00 32.08 ? 41  VAL A O   1 
ATOM 134 C CB  . VAL A 1 25 ? -0.927  -7.950  -6.545  1.00 26.76 ? 41  VAL A CB  1 
ATOM 135 C CG1 . VAL A 1 25 ? -1.796  -8.169  -5.336  1.00 26.46 ? 41  VAL A CG1 1 
ATOM 136 C CG2 . VAL A 1 25 ? 0.158   -6.976  -6.201  1.00 25.44 ? 41  VAL A CG2 1 
ATOM 137 N N   . GLY A 1 26 ? 1.122   -9.982  -8.825  1.00 27.40 ? 42  GLY A N   1 
ATOM 138 C CA  . GLY A 1 26 ? 1.586   -9.992  -10.203 1.00 26.98 ? 42  GLY A CA  1 
ATOM 139 C C   . GLY A 1 26 ? 2.779   -9.132  -10.576 1.00 29.87 ? 42  GLY A C   1 
ATOM 140 O O   . GLY A 1 26 ? 3.375   -9.322  -11.637 1.00 31.25 ? 42  GLY A O   1 
ATOM 141 N N   . ALA A 1 27 ? 3.136   -8.177  -9.727  1.00 31.86 ? 43  ALA A N   1 
ATOM 142 C CA  . ALA A 1 27 ? 4.272   -7.297  -10.004 1.00 33.11 ? 43  ALA A CA  1 
ATOM 143 C C   . ALA A 1 27 ? 5.579   -8.077  -9.921  1.00 36.97 ? 43  ALA A C   1 
ATOM 144 O O   . ALA A 1 27 ? 6.194   -8.148  -8.861  1.00 37.99 ? 43  ALA A O   1 
ATOM 145 C CB  . ALA A 1 27 ? 4.290   -6.132  -9.023  1.00 31.88 ? 43  ALA A CB  1 
ATOM 146 N N   . GLN A 1 28 ? 6.016   -8.629  -11.048 1.00 38.43 ? 44  GLN A N   1 
ATOM 147 C CA  . GLN A 1 28 ? 7.245   -9.427  -11.103 1.00 40.64 ? 44  GLN A CA  1 
ATOM 148 C C   . GLN A 1 28 ? 8.583   -8.674  -11.276 1.00 38.73 ? 44  GLN A C   1 
ATOM 149 O O   . GLN A 1 28 ? 9.370   -9.016  -12.154 1.00 39.71 ? 44  GLN A O   1 
ATOM 150 C CB  . GLN A 1 28 ? 7.136   -10.429 -12.251 1.00 44.75 ? 44  GLN A CB  1 
ATOM 151 C CG  . GLN A 1 28 ? 5.842   -11.169 -12.385 1.00 47.84 ? 44  GLN A CG  1 
ATOM 152 C CD  . GLN A 1 28 ? 5.897   -12.110 -13.567 1.00 52.18 ? 44  GLN A CD  1 
ATOM 153 O OE1 . GLN A 1 28 ? 6.070   -11.679 -14.710 1.00 53.63 ? 44  GLN A OE1 1 
ATOM 154 N NE2 . GLN A 1 28 ? 5.799   -13.413 -13.298 1.00 54.69 ? 44  GLN A NE2 1 
ATOM 155 N N   . LYS A 1 29 ? 8.898   -7.699  -10.438 1.00 36.33 ? 45  LYS A N   1 
ATOM 156 C CA  . LYS A 1 29 ? 10.159  -7.010  -10.641 1.00 35.35 ? 45  LYS A CA  1 
ATOM 157 C C   . LYS A 1 29 ? 10.776  -6.371  -9.409  1.00 38.33 ? 45  LYS A C   1 
ATOM 158 O O   . LYS A 1 29 ? 10.152  -6.296  -8.356  1.00 40.86 ? 45  LYS A O   1 
ATOM 159 C CB  . LYS A 1 29 ? 10.043  -6.020  -11.798 1.00 34.15 ? 45  LYS A CB  1 
ATOM 160 C CG  . LYS A 1 29 ? 8.925   -5.024  -11.664 1.00 33.47 ? 45  LYS A CG  1 
ATOM 161 C CD  . LYS A 1 29 ? 8.982   -4.024  -12.793 1.00 33.07 ? 45  LYS A CD  1 
ATOM 162 C CE  . LYS A 1 29 ? 8.261   -2.755  -12.416 1.00 33.29 ? 45  LYS A CE  1 
ATOM 163 N NZ  . LYS A 1 29 ? 8.543   -1.696  -13.408 1.00 33.65 ? 45  LYS A NZ  1 
ATOM 164 N N   . ASP A 1 30 ? 11.999  -5.883  -9.562  1.00 39.51 ? 46  ASP A N   1 
ATOM 165 C CA  . ASP A 1 30 ? 12.758  -5.308  -8.465  1.00 43.18 ? 46  ASP A CA  1 
ATOM 166 C C   . ASP A 1 30 ? 12.826  -3.800  -8.386  1.00 39.04 ? 46  ASP A C   1 
ATOM 167 O O   . ASP A 1 30 ? 13.225  -3.273  -7.365  1.00 39.67 ? 46  ASP A O   1 
ATOM 168 C CB  . ASP A 1 30 ? 14.184  -5.855  -8.547  1.00 53.36 ? 46  ASP A CB  1 
ATOM 169 C CG  . ASP A 1 30 ? 14.965  -5.704  -7.251  1.00 63.20 ? 46  ASP A CG  1 
ATOM 170 O OD1 . ASP A 1 30 ? 14.396  -5.240  -6.231  1.00 67.17 ? 46  ASP A OD1 1 
ATOM 171 O OD2 . ASP A 1 30 ? 16.162  -6.088  -7.256  1.00 66.33 ? 46  ASP A OD2 1 
ATOM 172 N N   . THR A 1 31 ? 12.486  -3.100  -9.458  1.00 37.84 ? 47  THR A N   1 
ATOM 173 C CA  . THR A 1 31 ? 12.566  -1.642  -9.460  1.00 37.77 ? 47  THR A CA  1 
ATOM 174 C C   . THR A 1 31 ? 11.240  -1.078  -9.935  1.00 33.96 ? 47  THR A C   1 
ATOM 175 O O   . THR A 1 31 ? 10.676  -1.575  -10.905 1.00 34.85 ? 47  THR A O   1 
ATOM 176 C CB  . THR A 1 31 ? 13.734  -1.162  -10.360 1.00 41.52 ? 47  THR A CB  1 
ATOM 177 O OG1 . THR A 1 31 ? 14.909  -1.933  -10.054 1.00 44.57 ? 47  THR A OG1 1 
ATOM 178 C CG2 . THR A 1 31 ? 14.054  0.293   -10.092 1.00 41.07 ? 47  THR A CG2 1 
ATOM 179 N N   . TYR A 1 32 ? 10.730  -0.059  -9.243  1.00 29.39 ? 48  TYR A N   1 
ATOM 180 C CA  . TYR A 1 32 ? 9.429   0.518   -9.578  1.00 25.54 ? 48  TYR A CA  1 
ATOM 181 C C   . TYR A 1 32 ? 9.374   2.022   -9.417  1.00 23.68 ? 48  TYR A C   1 
ATOM 182 O O   . TYR A 1 32 ? 10.166  2.608   -8.690  1.00 24.17 ? 48  TYR A O   1 
ATOM 183 C CB  . TYR A 1 32 ? 8.348   -0.023  -8.614  1.00 23.33 ? 48  TYR A CB  1 
ATOM 184 C CG  . TYR A 1 32 ? 8.183   -1.521  -8.555  1.00 20.34 ? 48  TYR A CG  1 
ATOM 185 C CD1 . TYR A 1 32 ? 9.081   -2.307  -7.839  1.00 19.97 ? 48  TYR A CD1 1 
ATOM 186 C CD2 . TYR A 1 32 ? 7.141   -2.158  -9.229  1.00 19.16 ? 48  TYR A CD2 1 
ATOM 187 C CE1 . TYR A 1 32 ? 8.951   -3.683  -7.803  1.00 18.70 ? 48  TYR A CE1 1 
ATOM 188 C CE2 . TYR A 1 32 ? 7.010   -3.530  -9.191  1.00 19.06 ? 48  TYR A CE2 1 
ATOM 189 C CZ  . TYR A 1 32 ? 7.922   -4.278  -8.477  1.00 18.73 ? 48  TYR A CZ  1 
ATOM 190 O OH  . TYR A 1 32 ? 7.820   -5.634  -8.441  1.00 21.84 ? 48  TYR A OH  1 
ATOM 191 N N   . THR A 1 33 ? 8.412   2.648   -10.075 1.00 21.72 ? 49  THR A N   1 
ATOM 192 C CA  . THR A 1 33 ? 8.222   4.070   -9.876  1.00 22.96 ? 49  THR A CA  1 
ATOM 193 C C   . THR A 1 33 ? 7.275   4.109   -8.669  1.00 23.47 ? 49  THR A C   1 
ATOM 194 O O   . THR A 1 33 ? 6.707   3.076   -8.314  1.00 21.98 ? 49  THR A O   1 
ATOM 195 C CB  . THR A 1 33 ? 7.576   4.744   -11.108 1.00 24.40 ? 49  THR A CB  1 
ATOM 196 O OG1 . THR A 1 33 ? 6.395   4.035   -11.504 1.00 25.85 ? 49  THR A OG1 1 
ATOM 197 C CG2 . THR A 1 33 ? 8.553   4.744   -12.268 1.00 24.83 ? 49  THR A CG2 1 
ATOM 198 N N   . MET A 1 34 ? 7.142   5.246   -7.993  1.00 26.64 ? 50  MET A N   1 
ATOM 199 C CA  . MET A 1 34 ? 6.224   5.318   -6.860  1.00 28.05 ? 50  MET A CA  1 
ATOM 200 C C   . MET A 1 34 ? 4.798   4.927   -7.275  1.00 28.41 ? 50  MET A C   1 
ATOM 201 O O   . MET A 1 34 ? 4.089   4.270   -6.515  1.00 31.46 ? 50  MET A O   1 
ATOM 202 C CB  . MET A 1 34 ? 6.223   6.715   -6.238  1.00 29.52 ? 50  MET A CB  1 
ATOM 203 C CG  . MET A 1 34 ? 6.913   6.790   -4.887  1.00 31.67 ? 50  MET A CG  1 
ATOM 204 S SD  . MET A 1 34 ? 6.038   5.867   -3.619  1.00 33.21 ? 50  MET A SD  1 
ATOM 205 C CE  . MET A 1 34 ? 4.454   6.693   -3.669  1.00 33.22 ? 50  MET A CE  1 
ATOM 206 N N   . LYS A 1 35 ? 4.387   5.300   -8.485  1.00 25.59 ? 51  LYS A N   1 
ATOM 207 C CA  . LYS A 1 35 ? 3.050   4.972   -8.983  1.00 24.33 ? 51  LYS A CA  1 
ATOM 208 C C   . LYS A 1 35 ? 2.722   3.475   -9.084  1.00 20.13 ? 51  LYS A C   1 
ATOM 209 O O   . LYS A 1 35 ? 1.614   3.078   -8.748  1.00 20.41 ? 51  LYS A O   1 
ATOM 210 C CB  . LYS A 1 35 ? 2.797   5.655   -10.328 1.00 26.76 ? 51  LYS A CB  1 
ATOM 211 C CG  . LYS A 1 35 ? 2.755   7.154   -10.248 1.00 29.23 ? 51  LYS A CG  1 
ATOM 212 C CD  . LYS A 1 35 ? 2.581   7.782   -11.628 1.00 32.33 ? 51  LYS A CD  1 
ATOM 213 C CE  . LYS A 1 35 ? 2.663   9.306   -11.553 1.00 35.65 ? 51  LYS A CE  1 
ATOM 214 N NZ  . LYS A 1 35 ? 2.408   9.942   -12.888 1.00 39.61 ? 51  LYS A NZ  1 
ATOM 215 N N   . GLU A 1 36 ? 3.660   2.660   -9.566  1.00 18.05 ? 52  GLU A N   1 
ATOM 216 C CA  . GLU A 1 36 ? 3.445   1.214   -9.685  1.00 17.63 ? 52  GLU A CA  1 
ATOM 217 C C   . GLU A 1 36 ? 3.257   0.614   -8.300  1.00 18.96 ? 52  GLU A C   1 
ATOM 218 O O   . GLU A 1 36 ? 2.392   -0.234  -8.090  1.00 21.98 ? 52  GLU A O   1 
ATOM 219 C CB  . GLU A 1 36 ? 4.630   0.519   -10.354 1.00 15.17 ? 52  GLU A CB  1 
ATOM 220 C CG  . GLU A 1 36 ? 4.784   0.821   -11.820 1.00 14.49 ? 52  GLU A CG  1 
ATOM 221 C CD  . GLU A 1 36 ? 5.933   0.058   -12.485 1.00 14.76 ? 52  GLU A CD  1 
ATOM 222 O OE1 . GLU A 1 36 ? 7.106   0.220   -12.069 1.00 14.10 ? 52  GLU A OE1 1 
ATOM 223 O OE2 . GLU A 1 36 ? 5.659   -0.707  -13.439 1.00 16.08 ? 52  GLU A OE2 1 
ATOM 224 N N   . VAL A 1 37 ? 4.084   1.050   -7.357  1.00 16.80 ? 53  VAL A N   1 
ATOM 225 C CA  . VAL A 1 37 ? 3.999   0.566   -5.992  1.00 15.61 ? 53  VAL A CA  1 
ATOM 226 C C   . VAL A 1 37 ? 2.569   0.788   -5.480  1.00 19.06 ? 53  VAL A C   1 
ATOM 227 O O   . VAL A 1 37 ? 1.849   -0.162  -5.199  1.00 19.53 ? 53  VAL A O   1 
ATOM 228 C CB  . VAL A 1 37 ? 5.064   1.263   -5.082  1.00 10.83 ? 53  VAL A CB  1 
ATOM 229 C CG1 . VAL A 1 37 ? 4.700   1.121   -3.575  1.00 9.30  ? 53  VAL A CG1 1 
ATOM 230 C CG2 . VAL A 1 37 ? 6.466   0.667   -5.351  1.00 6.78  ? 53  VAL A CG2 1 
ATOM 231 N N   . LEU A 1 38 ? 2.124   2.035   -5.487  1.00 20.11 ? 54  LEU A N   1 
ATOM 232 C CA  . LEU A 1 38 ? 0.792   2.367   -5.009  1.00 17.78 ? 54  LEU A CA  1 
ATOM 233 C C   . LEU A 1 38 ? -0.302  1.620   -5.733  1.00 18.36 ? 54  LEU A C   1 
ATOM 234 O O   . LEU A 1 38 ? -1.282  1.240   -5.113  1.00 23.49 ? 54  LEU A O   1 
ATOM 235 C CB  . LEU A 1 38 ? 0.525   3.859   -5.149  1.00 16.46 ? 54  LEU A CB  1 
ATOM 236 C CG  . LEU A 1 38 ? 1.325   4.848   -4.310  1.00 14.65 ? 54  LEU A CG  1 
ATOM 237 C CD1 . LEU A 1 38 ? 1.012   6.255   -4.801  1.00 15.10 ? 54  LEU A CD1 1 
ATOM 238 C CD2 . LEU A 1 38 ? 0.978   4.694   -2.856  1.00 11.49 ? 54  LEU A CD2 1 
ATOM 239 N N   . PHE A 1 39 ? -0.150  1.433   -7.039  1.00 15.68 ? 55  PHE A N   1 
ATOM 240 C CA  . PHE A 1 39 ? -1.153  0.751   -7.869  1.00 12.20 ? 55  PHE A CA  1 
ATOM 241 C C   . PHE A 1 39 ? -1.379  -0.663  -7.409  1.00 15.52 ? 55  PHE A C   1 
ATOM 242 O O   . PHE A 1 39 ? -2.519  -1.043  -7.149  1.00 17.40 ? 55  PHE A O   1 
ATOM 243 C CB  . PHE A 1 39 ? -0.716  0.751   -9.342  1.00 6.10  ? 55  PHE A CB  1 
ATOM 244 C CG  . PHE A 1 39 ? -1.492  -0.191  -10.224 1.00 1.58  ? 55  PHE A CG  1 
ATOM 245 C CD1 . PHE A 1 39 ? -2.786  0.093   -10.604 1.00 1.07  ? 55  PHE A CD1 1 
ATOM 246 C CD2 . PHE A 1 39 ? -0.926  -1.356  -10.665 1.00 1.00  ? 55  PHE A CD2 1 
ATOM 247 C CE1 . PHE A 1 39 ? -3.505  -0.777  -11.408 1.00 1.00  ? 55  PHE A CE1 1 
ATOM 248 C CE2 . PHE A 1 39 ? -1.627  -2.229  -11.467 1.00 1.00  ? 55  PHE A CE2 1 
ATOM 249 C CZ  . PHE A 1 39 ? -2.906  -1.946  -11.836 1.00 1.77  ? 55  PHE A CZ  1 
ATOM 250 N N   . TYR A 1 40 ? -0.292  -1.439  -7.341  1.00 18.18 ? 56  TYR A N   1 
ATOM 251 C CA  . TYR A 1 40 ? -0.338  -2.841  -6.912  1.00 21.08 ? 56  TYR A CA  1 
ATOM 252 C C   . TYR A 1 40 ? -0.721  -2.955  -5.431  1.00 25.58 ? 56  TYR A C   1 
ATOM 253 O O   . TYR A 1 40 ? -1.522  -3.811  -5.044  1.00 27.28 ? 56  TYR A O   1 
ATOM 254 C CB  . TYR A 1 40 ? 1.014   -3.519  -7.128  1.00 19.30 ? 56  TYR A CB  1 
ATOM 255 C CG  . TYR A 1 40 ? 1.388   -3.750  -8.571  1.00 18.72 ? 56  TYR A CG  1 
ATOM 256 C CD1 . TYR A 1 40 ? 0.635   -4.604  -9.380  1.00 19.77 ? 56  TYR A CD1 1 
ATOM 257 C CD2 . TYR A 1 40 ? 2.495   -3.112  -9.128  1.00 17.69 ? 56  TYR A CD2 1 
ATOM 258 C CE1 . TYR A 1 40 ? 0.974   -4.818  -10.712 1.00 19.76 ? 56  TYR A CE1 1 
ATOM 259 C CE2 . TYR A 1 40 ? 2.844   -3.313  -10.445 1.00 18.54 ? 56  TYR A CE2 1 
ATOM 260 C CZ  . TYR A 1 40 ? 2.085   -4.167  -11.241 1.00 21.12 ? 56  TYR A CZ  1 
ATOM 261 O OH  . TYR A 1 40 ? 2.468   -4.379  -12.555 1.00 24.19 ? 56  TYR A OH  1 
ATOM 262 N N   . LEU A 1 41 ? -0.142  -2.085  -4.610  1.00 25.21 ? 57  LEU A N   1 
ATOM 263 C CA  . LEU A 1 41 ? -0.420  -2.052  -3.184  1.00 21.43 ? 57  LEU A CA  1 
ATOM 264 C C   . LEU A 1 41 ? -1.920  -1.802  -2.966  1.00 16.56 ? 57  LEU A C   1 
ATOM 265 O O   . LEU A 1 41 ? -2.521  -2.325  -2.033  1.00 16.93 ? 57  LEU A O   1 
ATOM 266 C CB  . LEU A 1 41 ? 0.446   -0.975  -2.529  1.00 21.93 ? 57  LEU A CB  1 
ATOM 267 C CG  . LEU A 1 41 ? 0.495   -0.908  -1.004  1.00 23.25 ? 57  LEU A CG  1 
ATOM 268 C CD1 . LEU A 1 41 ? 0.792   -2.285  -0.438  1.00 24.87 ? 57  LEU A CD1 1 
ATOM 269 C CD2 . LEU A 1 41 ? 1.542   0.091   -0.567  1.00 22.07 ? 57  LEU A CD2 1 
ATOM 270 N N   . GLY A 1 42 ? -2.521  -1.037  -3.865  1.00 13.03 ? 58  GLY A N   1 
ATOM 271 C CA  . GLY A 1 42 ? -3.942  -0.755  -3.799  1.00 12.30 ? 58  GLY A CA  1 
ATOM 272 C C   . GLY A 1 42 ? -4.730  -1.946  -4.313  1.00 15.61 ? 58  GLY A C   1 
ATOM 273 O O   . GLY A 1 42 ? -5.826  -2.216  -3.843  1.00 19.99 ? 58  GLY A O   1 
ATOM 274 N N   . GLN A 1 43 ? -4.170  -2.661  -5.274  1.00 14.86 ? 59  GLN A N   1 
ATOM 275 C CA  . GLN A 1 43 ? -4.796  -3.847  -5.846  1.00 16.02 ? 59  GLN A CA  1 
ATOM 276 C C   . GLN A 1 43 ? -4.864  -4.976  -4.820  1.00 17.15 ? 59  GLN A C   1 
ATOM 277 O O   . GLN A 1 43 ? -5.778  -5.795  -4.830  1.00 20.04 ? 59  GLN A O   1 
ATOM 278 C CB  . GLN A 1 43 ? -3.972  -4.329  -7.029  1.00 18.21 ? 59  GLN A CB  1 
ATOM 279 C CG  . GLN A 1 43 ? -4.053  -3.427  -8.202  1.00 21.13 ? 59  GLN A CG  1 
ATOM 280 C CD  . GLN A 1 43 ? -5.458  -3.322  -8.688  1.00 23.42 ? 59  GLN A CD  1 
ATOM 281 O OE1 . GLN A 1 43 ? -5.983  -4.256  -9.280  1.00 26.16 ? 59  GLN A OE1 1 
ATOM 282 N NE2 . GLN A 1 43 ? -6.094  -2.201  -8.412  1.00 24.91 ? 59  GLN A NE2 1 
ATOM 283 N N   . TYR A 1 44 ? -3.844  -5.054  -3.986  1.00 15.53 ? 60  TYR A N   1 
ATOM 284 C CA  . TYR A 1 44 ? -3.750  -6.068  -2.951  1.00 14.57 ? 60  TYR A CA  1 
ATOM 285 C C   . TYR A 1 44 ? -4.887  -5.831  -1.938  1.00 16.46 ? 60  TYR A C   1 
ATOM 286 O O   . TYR A 1 44 ? -5.665  -6.727  -1.622  1.00 18.96 ? 60  TYR A O   1 
ATOM 287 C CB  . TYR A 1 44 ? -2.379  -5.926  -2.301  1.00 14.30 ? 60  TYR A CB  1 
ATOM 288 C CG  . TYR A 1 44 ? -2.149  -6.769  -1.092  1.00 15.69 ? 60  TYR A CG  1 
ATOM 289 C CD1 . TYR A 1 44 ? -1.623  -8.053  -1.206  1.00 15.89 ? 60  TYR A CD1 1 
ATOM 290 C CD2 . TYR A 1 44 ? -2.394  -6.261  0.187   1.00 16.18 ? 60  TYR A CD2 1 
ATOM 291 C CE1 . TYR A 1 44 ? -1.343  -8.802  -0.077  1.00 15.25 ? 60  TYR A CE1 1 
ATOM 292 C CE2 . TYR A 1 44 ? -2.116  -7.002  1.315   1.00 15.93 ? 60  TYR A CE2 1 
ATOM 293 C CZ  . TYR A 1 44 ? -1.589  -8.268  1.174   1.00 16.11 ? 60  TYR A CZ  1 
ATOM 294 O OH  . TYR A 1 44 ? -1.267  -8.990  2.289   1.00 18.25 ? 60  TYR A OH  1 
ATOM 295 N N   . ILE A 1 45 ? -5.005  -4.595  -1.484  1.00 15.26 ? 61  ILE A N   1 
ATOM 296 C CA  . ILE A 1 45 ? -6.024  -4.205  -0.535  1.00 13.48 ? 61  ILE A CA  1 
ATOM 297 C C   . ILE A 1 45 ? -7.405  -4.440  -1.091  1.00 16.31 ? 61  ILE A C   1 
ATOM 298 O O   . ILE A 1 45 ? -8.231  -5.094  -0.462  1.00 18.13 ? 61  ILE A O   1 
ATOM 299 C CB  . ILE A 1 45 ? -5.861  -2.720  -0.141  1.00 12.76 ? 61  ILE A CB  1 
ATOM 300 C CG1 . ILE A 1 45 ? -4.465  -2.500  0.446   1.00 11.76 ? 61  ILE A CG1 1 
ATOM 301 C CG2 . ILE A 1 45 ? -6.907  -2.323  0.867   1.00 13.49 ? 61  ILE A CG2 1 
ATOM 302 C CD1 . ILE A 1 45 ? -4.212  -1.070  0.889   1.00 13.72 ? 61  ILE A CD1 1 
ATOM 303 N N   . MET A 1 46 ? -7.675  -3.906  -2.268  1.00 21.25 ? 62  MET A N   1 
ATOM 304 C CA  . MET A 1 46 ? -8.994  -4.085  -2.856  1.00 26.19 ? 62  MET A CA  1 
ATOM 305 C C   . MET A 1 46 ? -9.311  -5.556  -3.003  1.00 26.57 ? 62  MET A C   1 
ATOM 306 O O   . MET A 1 46 ? -10.345 -6.030  -2.548  1.00 27.73 ? 62  MET A O   1 
ATOM 307 C CB  . MET A 1 46 ? -9.082  -3.417  -4.221  1.00 32.22 ? 62  MET A CB  1 
ATOM 308 C CG  . MET A 1 46 ? -9.428  -1.946  -4.172  1.00 40.65 ? 62  MET A CG  1 
ATOM 309 S SD  . MET A 1 46 ? -9.279  -1.156  -5.804  1.00 48.52 ? 62  MET A SD  1 
ATOM 310 C CE  . MET A 1 46 ? -7.871  0.062   -5.543  1.00 48.60 ? 62  MET A CE  1 
ATOM 311 N N   . THR A 1 47 ? -8.386  -6.283  -3.604  1.00 26.49 ? 63  THR A N   1 
ATOM 312 C CA  . THR A 1 47 ? -8.552  -7.704  -3.851  1.00 27.67 ? 63  THR A CA  1 
ATOM 313 C C   . THR A 1 47 ? -8.840  -8.583  -2.635  1.00 24.94 ? 63  THR A C   1 
ATOM 314 O O   . THR A 1 47 ? -9.710  -9.456  -2.692  1.00 26.27 ? 63  THR A O   1 
ATOM 315 C CB  . THR A 1 47 ? -7.355  -8.211  -4.619  1.00 32.91 ? 63  THR A CB  1 
ATOM 316 O OG1 . THR A 1 47 ? -7.413  -7.675  -5.949  1.00 36.10 ? 63  THR A OG1 1 
ATOM 317 C CG2 . THR A 1 47 ? -7.325  -9.714  -4.657  1.00 36.18 ? 63  THR A CG2 1 
ATOM 318 N N   . LYS A 1 48 ? -8.114  -8.350  -1.544  1.00 20.57 ? 64  LYS A N   1 
ATOM 319 C CA  . LYS A 1 48 ? -8.293  -9.102  -0.309  1.00 16.27 ? 64  LYS A CA  1 
ATOM 320 C C   . LYS A 1 48 ? -9.274  -8.380  0.615   1.00 17.22 ? 64  LYS A C   1 
ATOM 321 O O   . LYS A 1 48 ? -9.208  -8.509  1.827   1.00 20.18 ? 64  LYS A O   1 
ATOM 322 C CB  . LYS A 1 48 ? -6.947  -9.252  0.388   1.00 16.24 ? 64  LYS A CB  1 
ATOM 323 C CG  . LYS A 1 48 ? -5.960  -10.040 -0.423  1.00 19.29 ? 64  LYS A CG  1 
ATOM 324 C CD  . LYS A 1 48 ? -4.669  -10.231 0.328   1.00 22.86 ? 64  LYS A CD  1 
ATOM 325 C CE  . LYS A 1 48 ? -4.876  -11.056 1.580   1.00 26.64 ? 64  LYS A CE  1 
ATOM 326 N NZ  . LYS A 1 48 ? -3.575  -11.235 2.297   1.00 29.52 ? 64  LYS A NZ  1 
ATOM 327 N N   . ARG A 1 49 ? -10.171 -7.604  0.023   1.00 17.49 ? 65  ARG A N   1 
ATOM 328 C CA  . ARG A 1 49 ? -11.165 -6.802  0.726   1.00 14.49 ? 65  ARG A CA  1 
ATOM 329 C C   . ARG A 1 49 ? -10.777 -6.349  2.118   1.00 14.03 ? 65  ARG A C   1 
ATOM 330 O O   . ARG A 1 49 ? -11.605 -6.362  3.022   1.00 17.94 ? 65  ARG A O   1 
ATOM 331 C CB  . ARG A 1 49 ? -12.507 -7.508  0.771   1.00 14.75 ? 65  ARG A CB  1 
ATOM 332 C CG  . ARG A 1 49 ? -12.931 -8.139  -0.540  1.00 17.60 ? 65  ARG A CG  1 
ATOM 333 C CD  . ARG A 1 49 ? -14.440 -8.022  -0.729  1.00 22.61 ? 65  ARG A CD  1 
ATOM 334 N NE  . ARG A 1 49 ? -15.218 -8.658  0.336   1.00 28.14 ? 65  ARG A NE  1 
ATOM 335 C CZ  . ARG A 1 49 ? -16.225 -8.064  0.969   1.00 34.90 ? 65  ARG A CZ  1 
ATOM 336 N NH1 . ARG A 1 49 ? -16.575 -6.825  0.649   1.00 38.13 ? 65  ARG A NH1 1 
ATOM 337 N NH2 . ARG A 1 49 ? -16.898 -8.711  1.910   1.00 38.07 ? 65  ARG A NH2 1 
ATOM 338 N N   . LEU A 1 50 ? -9.551  -5.858  2.274   1.00 10.97 ? 66  LEU A N   1 
ATOM 339 C CA  . LEU A 1 50 ? -9.086  -5.410  3.583   1.00 9.06  ? 66  LEU A CA  1 
ATOM 340 C C   . LEU A 1 50 ? -9.642  -4.081  4.086   1.00 9.71  ? 66  LEU A C   1 
ATOM 341 O O   . LEU A 1 50 ? -9.274  -3.625  5.181   1.00 13.68 ? 66  LEU A O   1 
ATOM 342 C CB  . LEU A 1 50 ? -7.565  -5.343  3.627   1.00 7.18  ? 66  LEU A CB  1 
ATOM 343 C CG  . LEU A 1 50 ? -6.757  -6.580  3.293   1.00 6.89  ? 66  LEU A CG  1 
ATOM 344 C CD1 . LEU A 1 50 ? -5.277  -6.267  3.468   1.00 5.18  ? 66  LEU A CD1 1 
ATOM 345 C CD2 . LEU A 1 50 ? -7.175  -7.697  4.213   1.00 8.57  ? 66  LEU A CD2 1 
ATOM 346 N N   . TYR A 1 51 ? -10.506 -3.440  3.317   1.00 8.57  ? 67  TYR A N   1 
ATOM 347 C CA  . TYR A 1 51 ? -11.050 -2.151  3.745   1.00 12.51 ? 67  TYR A CA  1 
ATOM 348 C C   . TYR A 1 51 ? -12.386 -2.351  4.442   1.00 16.43 ? 67  TYR A C   1 
ATOM 349 O O   . TYR A 1 51 ? -13.025 -3.391  4.282   1.00 19.05 ? 67  TYR A O   1 
ATOM 350 C CB  . TYR A 1 51 ? -11.209 -1.198  2.545   1.00 11.42 ? 67  TYR A CB  1 
ATOM 351 C CG  . TYR A 1 51 ? -11.890 -1.844  1.348   1.00 15.91 ? 67  TYR A CG  1 
ATOM 352 C CD1 . TYR A 1 51 ? -13.286 -1.874  1.238   1.00 18.44 ? 67  TYR A CD1 1 
ATOM 353 C CD2 . TYR A 1 51 ? -11.145 -2.462  0.345   1.00 17.76 ? 67  TYR A CD2 1 
ATOM 354 C CE1 . TYR A 1 51 ? -13.912 -2.497  0.175   1.00 17.83 ? 67  TYR A CE1 1 
ATOM 355 C CE2 . TYR A 1 51 ? -11.767 -3.092  -0.722  1.00 19.57 ? 67  TYR A CE2 1 
ATOM 356 C CZ  . TYR A 1 51 ? -13.149 -3.105  -0.799  1.00 20.81 ? 67  TYR A CZ  1 
ATOM 357 O OH  . TYR A 1 51 ? -13.774 -3.734  -1.859  1.00 26.44 ? 67  TYR A OH  1 
ATOM 358 N N   . ASP A 1 52 ? -12.799 -1.371  5.238   1.00 16.73 ? 68  ASP A N   1 
ATOM 359 C CA  . ASP A 1 52 ? -14.073 -1.464  5.918   1.00 19.56 ? 68  ASP A CA  1 
ATOM 360 C C   . ASP A 1 52 ? -15.146 -1.244  4.879   1.00 24.40 ? 68  ASP A C   1 
ATOM 361 O O   . ASP A 1 52 ? -15.039 -0.357  4.040   1.00 28.26 ? 68  ASP A O   1 
ATOM 362 C CB  . ASP A 1 52 ? -14.204 -0.415  7.005   1.00 19.74 ? 68  ASP A CB  1 
ATOM 363 C CG  . ASP A 1 52 ? -15.426 -0.637  7.863   1.00 19.84 ? 68  ASP A CG  1 
ATOM 364 O OD1 . ASP A 1 52 ? -15.335 -1.440  8.809   1.00 22.77 ? 68  ASP A OD1 1 
ATOM 365 O OD2 . ASP A 1 52 ? -16.476 -0.039  7.583   1.00 19.07 ? 68  ASP A OD2 1 
ATOM 366 N N   . GLU A 1 53 ? -16.221 -1.999  4.980   1.00 26.47 ? 69  GLU A N   1 
ATOM 367 C CA  . GLU A 1 53 ? -17.290 -1.897  4.009   1.00 26.24 ? 69  GLU A CA  1 
ATOM 368 C C   . GLU A 1 53 ? -18.078 -0.605  4.051   1.00 27.23 ? 69  GLU A C   1 
ATOM 369 O O   . GLU A 1 53 ? -18.549 -0.109  3.022   1.00 26.72 ? 69  GLU A O   1 
ATOM 370 C CB  . GLU A 1 53 ? -18.230 -3.062  4.184   1.00 27.13 ? 69  GLU A CB  1 
ATOM 371 C CG  . GLU A 1 53 ? -19.045 -3.330  2.952   1.00 29.09 ? 69  GLU A CG  1 
ATOM 372 C CD  . GLU A 1 53 ? -18.310 -4.162  1.942   1.00 30.90 ? 69  GLU A CD  1 
ATOM 373 O OE1 . GLU A 1 53 ? -17.166 -4.609  2.224   1.00 30.71 ? 69  GLU A OE1 1 
ATOM 374 O OE2 . GLU A 1 53 ? -18.904 -4.372  0.868   1.00 33.03 ? 69  GLU A OE2 1 
ATOM 375 N N   . LYS A 1 54 ? -18.262 -0.077  5.250   1.00 30.01 ? 70  LYS A N   1 
ATOM 376 C CA  . LYS A 1 54 ? -19.013 1.155   5.406   1.00 34.47 ? 70  LYS A CA  1 
ATOM 377 C C   . LYS A 1 54 ? -18.134 2.402   5.295   1.00 34.65 ? 70  LYS A C   1 
ATOM 378 O O   . LYS A 1 54 ? -18.448 3.322   4.549   1.00 38.08 ? 70  LYS A O   1 
ATOM 379 C CB  . LYS A 1 54 ? -19.816 1.133   6.719   1.00 40.08 ? 70  LYS A CB  1 
ATOM 380 C CG  . LYS A 1 54 ? -21.100 0.237   6.685   1.00 45.97 ? 70  LYS A CG  1 
ATOM 381 C CD  . LYS A 1 54 ? -20.820 -1.288  6.524   1.00 50.20 ? 70  LYS A CD  1 
ATOM 382 C CE  . LYS A 1 54 ? -20.062 -1.888  7.732   1.00 53.12 ? 70  LYS A CE  1 
ATOM 383 N NZ  . LYS A 1 54 ? -19.622 -3.308  7.545   1.00 54.32 ? 70  LYS A NZ  1 
ATOM 384 N N   . GLN A 1 55 ? -17.041 2.436   6.042   1.00 30.70 ? 71  GLN A N   1 
ATOM 385 C CA  . GLN A 1 55 ? -16.121 3.564   6.011   1.00 27.30 ? 71  GLN A CA  1 
ATOM 386 C C   . GLN A 1 55 ? -14.916 3.063   5.238   1.00 21.02 ? 71  GLN A C   1 
ATOM 387 O O   . GLN A 1 55 ? -13.892 2.733   5.823   1.00 18.60 ? 71  GLN A O   1 
ATOM 388 C CB  . GLN A 1 55 ? -15.740 3.932   7.442   1.00 32.17 ? 71  GLN A CB  1 
ATOM 389 C CG  . GLN A 1 55 ? -16.891 4.511   8.229   1.00 37.01 ? 71  GLN A CG  1 
ATOM 390 C CD  . GLN A 1 55 ? -17.238 5.917   7.775   1.00 43.82 ? 71  GLN A CD  1 
ATOM 391 O OE1 . GLN A 1 55 ? -16.422 6.830   7.877   1.00 47.96 ? 71  GLN A OE1 1 
ATOM 392 N NE2 . GLN A 1 55 ? -18.442 6.094   7.254   1.00 44.79 ? 71  GLN A NE2 1 
ATOM 393 N N   . GLN A 1 56 ? -15.037 3.039   3.915   1.00 20.30 ? 72  GLN A N   1 
ATOM 394 C CA  . GLN A 1 56 ? -13.994 2.514   3.029   1.00 16.73 ? 72  GLN A CA  1 
ATOM 395 C C   . GLN A 1 56 ? -12.592 3.040   3.180   1.00 15.22 ? 72  GLN A C   1 
ATOM 396 O O   . GLN A 1 56 ? -11.666 2.483   2.605   1.00 17.63 ? 72  GLN A O   1 
ATOM 397 C CB  . GLN A 1 56 ? -14.419 2.613   1.576   1.00 16.67 ? 72  GLN A CB  1 
ATOM 398 C CG  . GLN A 1 56 ? -15.821 2.111   1.341   1.00 19.27 ? 72  GLN A CG  1 
ATOM 399 C CD  . GLN A 1 56 ? -15.904 1.025   0.294   1.00 22.33 ? 72  GLN A CD  1 
ATOM 400 O OE1 . GLN A 1 56 ? -15.075 0.931   -0.617  1.00 22.68 ? 72  GLN A OE1 1 
ATOM 401 N NE2 . GLN A 1 56 ? -16.932 0.205   0.401   1.00 25.00 ? 72  GLN A NE2 1 
ATOM 402 N N   . HIS A 1 57 ? -12.422 4.101   3.957   1.00 14.02 ? 73  HIS A N   1 
ATOM 403 C CA  . HIS A 1 57 ? -11.094 4.660   4.185   1.00 13.96 ? 73  HIS A CA  1 
ATOM 404 C C   . HIS A 1 57 ? -10.325 3.910   5.279   1.00 15.64 ? 73  HIS A C   1 
ATOM 405 O O   . HIS A 1 57 ? -9.127  4.170   5.488   1.00 17.41 ? 73  HIS A O   1 
ATOM 406 C CB  . HIS A 1 57 ? -11.178 6.156   4.511   1.00 14.80 ? 73  HIS A CB  1 
ATOM 407 C CG  . HIS A 1 57 ? -11.885 6.464   5.789   1.00 16.64 ? 73  HIS A CG  1 
ATOM 408 N ND1 . HIS A 1 57 ? -11.221 6.664   6.980   1.00 18.85 ? 73  HIS A ND1 1 
ATOM 409 C CD2 . HIS A 1 57 ? -13.202 6.628   6.064   1.00 15.41 ? 73  HIS A CD2 1 
ATOM 410 C CE1 . HIS A 1 57 ? -12.095 6.941   7.932   1.00 16.68 ? 73  HIS A CE1 1 
ATOM 411 N NE2 . HIS A 1 57 ? -13.305 6.924   7.402   1.00 15.48 ? 73  HIS A NE2 1 
ATOM 412 N N   . ILE A 1 58 ? -11.018 3.010   5.991   1.00 12.87 ? 74  ILE A N   1 
ATOM 413 C CA  . ILE A 1 58 ? -10.412 2.210   7.057   1.00 9.08  ? 74  ILE A CA  1 
ATOM 414 C C   . ILE A 1 58 ? -9.904  0.899   6.480   1.00 5.48  ? 74  ILE A C   1 
ATOM 415 O O   . ILE A 1 58 ? -10.640 0.186   5.830   1.00 8.13  ? 74  ILE A O   1 
ATOM 416 C CB  . ILE A 1 58 ? -11.428 1.897   8.218   1.00 12.08 ? 74  ILE A CB  1 
ATOM 417 C CG1 . ILE A 1 58 ? -11.968 3.196   8.839   1.00 11.72 ? 74  ILE A CG1 1 
ATOM 418 C CG2 . ILE A 1 58 ? -10.731 1.096   9.372   1.00 10.17 ? 74  ILE A CG2 1 
ATOM 419 C CD1 . ILE A 1 58 ? -10.939 3.917   9.656   1.00 10.84 ? 74  ILE A CD1 1 
ATOM 420 N N   . VAL A 1 59 ? -8.639  0.597   6.694   1.00 2.49  ? 75  VAL A N   1 
ATOM 421 C CA  . VAL A 1 59 ? -8.072  -0.645  6.208   1.00 4.31  ? 75  VAL A CA  1 
ATOM 422 C C   . VAL A 1 59 ? -7.547  -1.378  7.437   1.00 9.01  ? 75  VAL A C   1 
ATOM 423 O O   . VAL A 1 59 ? -6.962  -0.764  8.337   1.00 10.49 ? 75  VAL A O   1 
ATOM 424 C CB  . VAL A 1 59 ? -6.973  -0.397  5.179   1.00 3.43  ? 75  VAL A CB  1 
ATOM 425 C CG1 . VAL A 1 59 ? -6.324  -1.684  4.746   1.00 1.00  ? 75  VAL A CG1 1 
ATOM 426 C CG2 . VAL A 1 59 ? -7.574  0.292   3.985   1.00 4.30  ? 75  VAL A CG2 1 
ATOM 427 N N   . TYR A 1 60 ? -7.845  -2.673  7.486   1.00 10.57 ? 76  TYR A N   1 
ATOM 428 C CA  . TYR A 1 60 ? -7.510  -3.557  8.600   1.00 9.82  ? 76  TYR A CA  1 
ATOM 429 C C   . TYR A 1 60 ? -6.417  -4.483  8.167   1.00 13.54 ? 76  TYR A C   1 
ATOM 430 O O   . TYR A 1 60 ? -6.592  -5.207  7.199   1.00 17.59 ? 76  TYR A O   1 
ATOM 431 C CB  . TYR A 1 60 ? -8.735  -4.405  8.922   1.00 6.09  ? 76  TYR A CB  1 
ATOM 432 C CG  . TYR A 1 60 ? -9.987  -3.628  9.324   1.00 2.63  ? 76  TYR A CG  1 
ATOM 433 C CD1 . TYR A 1 60 ? -10.105 -3.069  10.587  1.00 1.00  ? 76  TYR A CD1 1 
ATOM 434 C CD2 . TYR A 1 60 ? -11.076 -3.543  8.470   1.00 1.49  ? 76  TYR A CD2 1 
ATOM 435 C CE1 . TYR A 1 60 ? -11.267 -2.473  10.989  1.00 1.00  ? 76  TYR A CE1 1 
ATOM 436 C CE2 . TYR A 1 60 ? -12.241 -2.934  8.866   1.00 1.00  ? 76  TYR A CE2 1 
ATOM 437 C CZ  . TYR A 1 60 ? -12.330 -2.406  10.130  1.00 1.93  ? 76  TYR A CZ  1 
ATOM 438 O OH  . TYR A 1 60 ? -13.512 -1.833  10.560  1.00 5.30  ? 76  TYR A OH  1 
ATOM 439 N N   . CYS A 1 61 ? -5.330  -4.560  8.921   1.00 15.15 ? 77  CYS A N   1 
ATOM 440 C CA  . CYS A 1 61 ? -4.235  -5.410  8.491   1.00 17.24 ? 77  CYS A CA  1 
ATOM 441 C C   . CYS A 1 61 ? -3.539  -6.190  9.571   1.00 19.10 ? 77  CYS A C   1 
ATOM 442 O O   . CYS A 1 61 ? -2.466  -6.742  9.330   1.00 15.49 ? 77  CYS A O   1 
ATOM 443 C CB  . CYS A 1 61 ? -3.219  -4.574  7.705   1.00 18.53 ? 77  CYS A CB  1 
ATOM 444 S SG  . CYS A 1 61 ? -2.870  -2.918  8.386   1.00 18.57 ? 77  CYS A SG  1 
ATOM 445 N N   . SER A 1 62 ? -4.208  -6.321  10.713  1.00 26.56 ? 78  SER A N   1 
ATOM 446 C CA  . SER A 1 62 ? -3.702  -7.043  11.890  1.00 33.89 ? 78  SER A CA  1 
ATOM 447 C C   . SER A 1 62 ? -3.381  -8.484  11.568  1.00 38.51 ? 78  SER A C   1 
ATOM 448 O O   . SER A 1 62 ? -2.343  -9.031  11.946  1.00 42.17 ? 78  SER A O   1 
ATOM 449 C CB  . SER A 1 62 ? -4.747  -7.007  13.000  1.00 34.90 ? 78  SER A CB  1 
ATOM 450 O OG  . SER A 1 62 ? -6.045  -7.145  12.437  1.00 37.68 ? 78  SER A OG  1 
ATOM 451 N N   . ASN A 1 63 ? -4.292  -9.085  10.833  1.00 39.64 ? 79  ASN A N   1 
ATOM 452 C CA  . ASN A 1 63 ? -4.192  -10.475 10.419  1.00 43.62 ? 79  ASN A CA  1 
ATOM 453 C C   . ASN A 1 63 ? -3.432  -10.568 9.110   1.00 40.29 ? 79  ASN A C   1 
ATOM 454 O O   . ASN A 1 63 ? -3.445  -11.624 8.474   1.00 39.90 ? 79  ASN A O   1 
ATOM 455 C CB  . ASN A 1 63 ? -5.610  -10.943 10.118  1.00 49.71 ? 79  ASN A CB  1 
ATOM 456 C CG  . ASN A 1 63 ? -6.312  -10.023 9.093   1.00 53.95 ? 79  ASN A CG  1 
ATOM 457 O OD1 . ASN A 1 63 ? -6.687  -8.873  9.412   1.00 55.43 ? 79  ASN A OD1 1 
ATOM 458 N ND2 . ASN A 1 63 ? -6.422  -10.497 7.849   1.00 54.43 ? 79  ASN A ND2 1 
ATOM 459 N N   . ASP A 1 64 ? -2.747  -9.493  8.725   1.00 36.87 ? 80  ASP A N   1 
ATOM 460 C CA  . ASP A 1 64 ? -2.121  -9.451  7.413   1.00 29.52 ? 80  ASP A CA  1 
ATOM 461 C C   . ASP A 1 64 ? -0.669  -9.044  7.337   1.00 27.60 ? 80  ASP A C   1 
ATOM 462 O O   . ASP A 1 64 ? -0.215  -8.258  8.145   1.00 26.69 ? 80  ASP A O   1 
ATOM 463 C CB  . ASP A 1 64 ? -2.942  -8.477  6.571   1.00 25.03 ? 80  ASP A CB  1 
ATOM 464 C CG  . ASP A 1 64 ? -2.885  -8.775  5.111   1.00 22.21 ? 80  ASP A CG  1 
ATOM 465 O OD1 . ASP A 1 64 ? -3.436  -9.819  4.718   1.00 22.42 ? 80  ASP A OD1 1 
ATOM 466 O OD2 . ASP A 1 64 ? -2.315  -7.950  4.359   1.00 20.56 ? 80  ASP A OD2 1 
ATOM 467 N N   . LEU A 1 65 ? 0.011   -9.526  6.289   1.00 28.92 ? 81  LEU A N   1 
ATOM 468 C CA  . LEU A 1 65 ? 1.418   -9.208  5.984   1.00 30.59 ? 81  LEU A CA  1 
ATOM 469 C C   . LEU A 1 65 ? 1.581   -7.691  5.853   1.00 27.06 ? 81  LEU A C   1 
ATOM 470 O O   . LEU A 1 65 ? 2.643   -7.140  6.121   1.00 27.06 ? 81  LEU A O   1 
ATOM 471 C CB  . LEU A 1 65 ? 1.833   -9.872  4.657   1.00 37.34 ? 81  LEU A CB  1 
ATOM 472 C CG  . LEU A 1 65 ? 2.979   -9.331  3.767   1.00 42.99 ? 81  LEU A CG  1 
ATOM 473 C CD1 . LEU A 1 65 ? 4.370   -9.535  4.398   1.00 44.45 ? 81  LEU A CD1 1 
ATOM 474 C CD2 . LEU A 1 65 ? 2.923   -10.030 2.405   1.00 43.58 ? 81  LEU A CD2 1 
ATOM 475 N N   . LEU A 1 66 ? 0.522   -7.034  5.399   1.00 23.26 ? 82  LEU A N   1 
ATOM 476 C CA  . LEU A 1 66 ? 0.501   -5.602  5.246   1.00 18.87 ? 82  LEU A CA  1 
ATOM 477 C C   . LEU A 1 66 ? 0.738   -5.001  6.618   1.00 20.31 ? 82  LEU A C   1 
ATOM 478 O O   . LEU A 1 66 ? 1.434   -4.011  6.747   1.00 22.63 ? 82  LEU A O   1 
ATOM 479 C CB  . LEU A 1 66 ? -0.861  -5.189  4.718   1.00 18.68 ? 82  LEU A CB  1 
ATOM 480 C CG  . LEU A 1 66 ? -1.076  -3.759  4.260   1.00 16.28 ? 82  LEU A CG  1 
ATOM 481 C CD1 . LEU A 1 66 ? 0.067   -3.368  3.327   1.00 17.88 ? 82  LEU A CD1 1 
ATOM 482 C CD2 . LEU A 1 66 ? -2.415  -3.685  3.564   1.00 11.40 ? 82  LEU A CD2 1 
ATOM 483 N N   . GLY A 1 67 ? 0.171   -5.619  7.645   1.00 21.34 ? 83  GLY A N   1 
ATOM 484 C CA  . GLY A 1 67 ? 0.335   -5.133  9.008   1.00 19.72 ? 83  GLY A CA  1 
ATOM 485 C C   . GLY A 1 67 ? 1.746   -5.374  9.501   1.00 22.61 ? 83  GLY A C   1 
ATOM 486 O O   . GLY A 1 67 ? 2.251   -4.581  10.289  1.00 25.72 ? 83  GLY A O   1 
ATOM 487 N N   . ASP A 1 68 ? 2.369   -6.481  9.085   1.00 24.08 ? 84  ASP A N   1 
ATOM 488 C CA  . ASP A 1 68 ? 3.747   -6.798  9.479   1.00 27.82 ? 84  ASP A CA  1 
ATOM 489 C C   . ASP A 1 68 ? 4.580   -5.688  8.891   1.00 32.42 ? 84  ASP A C   1 
ATOM 490 O O   . ASP A 1 68 ? 5.418   -5.096  9.563   1.00 36.61 ? 84  ASP A O   1 
ATOM 491 C CB  . ASP A 1 68 ? 4.228   -8.109  8.849   1.00 31.47 ? 84  ASP A CB  1 
ATOM 492 C CG  . ASP A 1 68 ? 3.541   -9.338  9.421   1.00 35.83 ? 84  ASP A CG  1 
ATOM 493 O OD1 . ASP A 1 68 ? 2.405   -9.230  9.937   1.00 38.48 ? 84  ASP A OD1 1 
ATOM 494 O OD2 . ASP A 1 68 ? 4.140   -10.431 9.337   1.00 36.32 ? 84  ASP A OD2 1 
ATOM 495 N N   . LEU A 1 69 ? 4.296   -5.415  7.620   1.00 33.28 ? 85  LEU A N   1 
ATOM 496 C CA  . LEU A 1 69 ? 4.930   -4.390  6.804   1.00 31.28 ? 85  LEU A CA  1 
ATOM 497 C C   . LEU A 1 69 ? 4.806   -3.003  7.417   1.00 28.59 ? 85  LEU A C   1 
ATOM 498 O O   . LEU A 1 69 ? 5.802   -2.412  7.812   1.00 32.02 ? 85  LEU A O   1 
ATOM 499 C CB  . LEU A 1 69 ? 4.256   -4.375  5.434   1.00 32.23 ? 85  LEU A CB  1 
ATOM 500 C CG  . LEU A 1 69 ? 4.994   -3.731  4.279   1.00 33.98 ? 85  LEU A CG  1 
ATOM 501 C CD1 . LEU A 1 69 ? 5.944   -4.751  3.755   1.00 34.37 ? 85  LEU A CD1 1 
ATOM 502 C CD2 . LEU A 1 69 ? 4.023   -3.326  3.188   1.00 34.90 ? 85  LEU A CD2 1 
ATOM 503 N N   . PHE A 1 70 ? 3.586   -2.481  7.487   1.00 24.06 ? 86  PHE A N   1 
ATOM 504 C CA  . PHE A 1 70 ? 3.353   -1.147  8.041   1.00 22.65 ? 86  PHE A CA  1 
ATOM 505 C C   . PHE A 1 70 ? 3.547   -1.072  9.538   1.00 20.98 ? 86  PHE A C   1 
ATOM 506 O O   . PHE A 1 70 ? 3.671   0.016   10.084  1.00 21.83 ? 86  PHE A O   1 
ATOM 507 C CB  . PHE A 1 70 ? 1.945   -0.641  7.693   1.00 23.60 ? 86  PHE A CB  1 
ATOM 508 C CG  . PHE A 1 70 ? 1.751   -0.316  6.228   1.00 25.25 ? 86  PHE A CG  1 
ATOM 509 C CD1 . PHE A 1 70 ? 2.817   -0.385  5.329   1.00 26.07 ? 86  PHE A CD1 1 
ATOM 510 C CD2 . PHE A 1 70 ? 0.516   0.089   5.754   1.00 26.99 ? 86  PHE A CD2 1 
ATOM 511 C CE1 . PHE A 1 70 ? 2.652   -0.055  3.987   1.00 26.66 ? 86  PHE A CE1 1 
ATOM 512 C CE2 . PHE A 1 70 ? 0.340   0.425   4.409   1.00 27.82 ? 86  PHE A CE2 1 
ATOM 513 C CZ  . PHE A 1 70 ? 1.411   0.350   3.528   1.00 28.09 ? 86  PHE A CZ  1 
ATOM 514 N N   . GLY A 1 71 ? 3.543   -2.228  10.195  1.00 20.07 ? 87  GLY A N   1 
ATOM 515 C CA  . GLY A 1 71 ? 3.705   -2.296  11.637  1.00 19.32 ? 87  GLY A CA  1 
ATOM 516 C C   . GLY A 1 71 ? 2.551   -1.686  12.421  1.00 20.03 ? 87  GLY A C   1 
ATOM 517 O O   . GLY A 1 71 ? 2.773   -1.056  13.464  1.00 20.31 ? 87  GLY A O   1 
ATOM 518 N N   . VAL A 1 72 ? 1.322   -1.831  11.921  1.00 19.28 ? 88  VAL A N   1 
ATOM 519 C CA  . VAL A 1 72 ? 0.136   -1.283  12.607  1.00 18.20 ? 88  VAL A CA  1 
ATOM 520 C C   . VAL A 1 72 ? -1.063  -2.202  12.392  1.00 19.23 ? 88  VAL A C   1 
ATOM 521 O O   . VAL A 1 72 ? -1.125  -2.933  11.401  1.00 22.03 ? 88  VAL A O   1 
ATOM 522 C CB  . VAL A 1 72 ? -0.264  0.160   12.111  1.00 16.54 ? 88  VAL A CB  1 
ATOM 523 C CG1 . VAL A 1 72 ? 0.757   1.182   12.536  1.00 13.24 ? 88  VAL A CG1 1 
ATOM 524 C CG2 . VAL A 1 72 ? -0.494  0.185   10.588  1.00 16.74 ? 88  VAL A CG2 1 
ATOM 525 N N   . PRO A 1 73 ? -2.020  -2.197  13.339  1.00 17.26 ? 89  PRO A N   1 
ATOM 526 C CA  . PRO A 1 73 ? -3.223  -3.029  13.244  1.00 15.01 ? 89  PRO A CA  1 
ATOM 527 C C   . PRO A 1 73 ? -4.153  -2.541  12.136  1.00 16.26 ? 89  PRO A C   1 
ATOM 528 O O   . PRO A 1 73 ? -4.669  -3.345  11.358  1.00 20.02 ? 89  PRO A O   1 
ATOM 529 C CB  . PRO A 1 73 ? -3.848  -2.876  14.628  1.00 14.47 ? 89  PRO A CB  1 
ATOM 530 C CG  . PRO A 1 73 ? -3.440  -1.509  15.045  1.00 14.57 ? 89  PRO A CG  1 
ATOM 531 C CD  . PRO A 1 73 ? -1.991  -1.480  14.626  1.00 16.66 ? 89  PRO A CD  1 
ATOM 532 N N   . SER A 1 74 ? -4.359  -1.230  12.049  1.00 14.88 ? 90  SER A N   1 
ATOM 533 C CA  . SER A 1 74 ? -5.210  -0.651  11.017  1.00 15.30 ? 90  SER A CA  1 
ATOM 534 C C   . SER A 1 74 ? -4.732  0.767   10.622  1.00 17.77 ? 90  SER A C   1 
ATOM 535 O O   . SER A 1 74 ? -3.827  1.317   11.257  1.00 17.21 ? 90  SER A O   1 
ATOM 536 C CB  . SER A 1 74 ? -6.662  -0.631  11.503  1.00 13.07 ? 90  SER A CB  1 
ATOM 537 O OG  . SER A 1 74 ? -6.841  0.271   12.580  1.00 10.50 ? 90  SER A OG  1 
ATOM 538 N N   . PHE A 1 75 ? -5.310  1.343   9.566   1.00 17.71 ? 91  PHE A N   1 
ATOM 539 C CA  . PHE A 1 75 ? -4.931  2.694   9.135   1.00 13.01 ? 91  PHE A CA  1 
ATOM 540 C C   . PHE A 1 75 ? -6.015  3.375   8.287   1.00 13.62 ? 91  PHE A C   1 
ATOM 541 O O   . PHE A 1 75 ? -6.932  2.711   7.811   1.00 14.61 ? 91  PHE A O   1 
ATOM 542 C CB  . PHE A 1 75 ? -3.556  2.685   8.427   1.00 9.68  ? 91  PHE A CB  1 
ATOM 543 C CG  . PHE A 1 75 ? -3.503  1.912   7.112   1.00 5.81  ? 91  PHE A CG  1 
ATOM 544 C CD1 . PHE A 1 75 ? -3.897  2.499   5.922   1.00 6.55  ? 91  PHE A CD1 1 
ATOM 545 C CD2 . PHE A 1 75 ? -2.954  0.643   7.054   1.00 5.77  ? 91  PHE A CD2 1 
ATOM 546 C CE1 . PHE A 1 75 ? -3.734  1.841   4.692   1.00 5.62  ? 91  PHE A CE1 1 
ATOM 547 C CE2 . PHE A 1 75 ? -2.792  -0.016  5.835   1.00 5.00  ? 91  PHE A CE2 1 
ATOM 548 C CZ  . PHE A 1 75 ? -3.182  0.592   4.661   1.00 6.43  ? 91  PHE A CZ  1 
ATOM 549 N N   . SER A 1 76 ? -5.966  4.704   8.184   1.00 13.98 ? 92  SER A N   1 
ATOM 550 C CA  . SER A 1 76 ? -6.928  5.467   7.391   1.00 12.99 ? 92  SER A CA  1 
ATOM 551 C C   . SER A 1 76 ? -6.242  5.978   6.146   1.00 14.71 ? 92  SER A C   1 
ATOM 552 O O   . SER A 1 76 ? -5.298  6.761   6.243   1.00 15.05 ? 92  SER A O   1 
ATOM 553 C CB  . SER A 1 76 ? -7.428  6.661   8.176   1.00 15.88 ? 92  SER A CB  1 
ATOM 554 O OG  . SER A 1 76 ? -8.216  7.529   7.360   1.00 19.78 ? 92  SER A OG  1 
ATOM 555 N N   . VAL A 1 77 ? -6.718  5.570   4.973   1.00 17.37 ? 93  VAL A N   1 
ATOM 556 C CA  . VAL A 1 77 ? -6.083  6.024   3.738   1.00 18.30 ? 93  VAL A CA  1 
ATOM 557 C C   . VAL A 1 77 ? -6.165  7.535   3.635   1.00 20.89 ? 93  VAL A C   1 
ATOM 558 O O   . VAL A 1 77 ? -5.449  8.146   2.844   1.00 25.39 ? 93  VAL A O   1 
ATOM 559 C CB  . VAL A 1 77 ? -6.680  5.403   2.444   1.00 15.03 ? 93  VAL A CB  1 
ATOM 560 C CG1 . VAL A 1 77 ? -6.745  3.889   2.538   1.00 16.89 ? 93  VAL A CG1 1 
ATOM 561 C CG2 . VAL A 1 77 ? -8.006  6.009   2.131   1.00 12.62 ? 93  VAL A CG2 1 
ATOM 562 N N   . LYS A 1 78 ? -7.019  8.135   4.452   1.00 16.49 ? 94  LYS A N   1 
ATOM 563 C CA  . LYS A 1 78 ? -7.171  9.561   4.437   1.00 15.72 ? 94  LYS A CA  1 
ATOM 564 C C   . LYS A 1 78 ? -6.028  10.296  5.121   1.00 19.47 ? 94  LYS A C   1 
ATOM 565 O O   . LYS A 1 78 ? -5.988  11.518  5.100   1.00 21.41 ? 94  LYS A O   1 
ATOM 566 C CB  . LYS A 1 78 ? -8.471  9.949   5.098   1.00 17.53 ? 94  LYS A CB  1 
ATOM 567 C CG  . LYS A 1 78 ? -9.696  9.619   4.319   1.00 19.31 ? 94  LYS A CG  1 
ATOM 568 C CD  . LYS A 1 78 ? -10.884 10.168  5.067   1.00 23.17 ? 94  LYS A CD  1 
ATOM 569 C CE  . LYS A 1 78 ? -12.168 9.945   4.305   1.00 28.08 ? 94  LYS A CE  1 
ATOM 570 N NZ  . LYS A 1 78 ? -13.343 10.517  5.042   1.00 30.82 ? 94  LYS A NZ  1 
ATOM 571 N N   . GLU A 1 79 ? -5.112  9.587   5.761   1.00 22.29 ? 95  GLU A N   1 
ATOM 572 C CA  . GLU A 1 79 ? -4.001  10.256  6.415   1.00 23.82 ? 95  GLU A CA  1 
ATOM 573 C C   . GLU A 1 79 ? -2.808  10.083  5.497   1.00 22.81 ? 95  GLU A C   1 
ATOM 574 O O   . GLU A 1 79 ? -1.970  9.198   5.717   1.00 22.39 ? 95  GLU A O   1 
ATOM 575 C CB  . GLU A 1 79 ? -3.693  9.589   7.740   1.00 31.07 ? 95  GLU A CB  1 
ATOM 576 C CG  . GLU A 1 79 ? -4.862  9.390   8.657   1.00 37.59 ? 95  GLU A CG  1 
ATOM 577 C CD  . GLU A 1 79 ? -4.509  8.459   9.815   1.00 43.46 ? 95  GLU A CD  1 
ATOM 578 O OE1 . GLU A 1 79 ? -3.941  7.355   9.577   1.00 43.63 ? 95  GLU A OE1 1 
ATOM 579 O OE2 . GLU A 1 79 ? -4.803  8.840   10.969  1.00 46.58 ? 95  GLU A OE2 1 
ATOM 580 N N   . HIS A 1 80 ? -2.708  10.958  4.497   1.00 21.86 ? 96  HIS A N   1 
ATOM 581 C CA  . HIS A 1 80 ? -1.640  10.900  3.488   1.00 18.69 ? 96  HIS A CA  1 
ATOM 582 C C   . HIS A 1 80 ? -0.215  10.891  4.027   1.00 18.22 ? 96  HIS A C   1 
ATOM 583 O O   . HIS A 1 80 ? 0.610   10.087  3.597   1.00 18.94 ? 96  HIS A O   1 
ATOM 584 C CB  . HIS A 1 80 ? -1.799  12.020  2.459   1.00 17.58 ? 96  HIS A CB  1 
ATOM 585 C CG  . HIS A 1 80 ? -3.106  11.997  1.720   1.00 16.90 ? 96  HIS A CG  1 
ATOM 586 N ND1 . HIS A 1 80 ? -3.811  10.838  1.484   1.00 15.62 ? 96  HIS A ND1 1 
ATOM 587 C CD2 . HIS A 1 80 ? -3.848  12.997  1.192   1.00 18.23 ? 96  HIS A CD2 1 
ATOM 588 C CE1 . HIS A 1 80 ? -4.938  11.125  0.852   1.00 16.07 ? 96  HIS A CE1 1 
ATOM 589 N NE2 . HIS A 1 80 ? -4.984  12.429  0.664   1.00 17.70 ? 96  HIS A NE2 1 
ATOM 590 N N   . ARG A 1 81 ? 0.087   11.767  4.971   1.00 17.37 ? 97  ARG A N   1 
ATOM 591 C CA  . ARG A 1 81 ? 1.434   11.804  5.519   1.00 15.09 ? 97  ARG A CA  1 
ATOM 592 C C   . ARG A 1 81 ? 1.786   10.480  6.198   1.00 16.62 ? 97  ARG A C   1 
ATOM 593 O O   . ARG A 1 81 ? 2.908   9.992   6.089   1.00 16.57 ? 97  ARG A O   1 
ATOM 594 C CB  . ARG A 1 81 ? 1.582   12.979  6.486   1.00 12.02 ? 97  ARG A CB  1 
ATOM 595 C CG  . ARG A 1 81 ? 3.009   13.229  6.942   1.00 11.33 ? 97  ARG A CG  1 
ATOM 596 C CD  . ARG A 1 81 ? 3.060   14.391  7.894   1.00 12.38 ? 97  ARG A CD  1 
ATOM 597 N NE  . ARG A 1 81 ? 2.573   15.648  7.331   1.00 15.31 ? 97  ARG A NE  1 
ATOM 598 C CZ  . ARG A 1 81 ? 3.362   16.615  6.842   1.00 17.96 ? 97  ARG A CZ  1 
ATOM 599 N NH1 . ARG A 1 81 ? 4.686   16.472  6.828   1.00 15.89 ? 97  ARG A NH1 1 
ATOM 600 N NH2 . ARG A 1 81 ? 2.834   17.770  6.447   1.00 18.19 ? 97  ARG A NH2 1 
ATOM 601 N N   . LYS A 1 82 ? 0.817   9.869   6.865   1.00 19.25 ? 98  LYS A N   1 
ATOM 602 C CA  . LYS A 1 82 ? 1.079   8.609   7.537   1.00 20.50 ? 98  LYS A CA  1 
ATOM 603 C C   . LYS A 1 82 ? 1.319   7.500   6.551   1.00 18.09 ? 98  LYS A C   1 
ATOM 604 O O   . LYS A 1 82 ? 2.348   6.834   6.625   1.00 20.14 ? 98  LYS A O   1 
ATOM 605 C CB  . LYS A 1 82 ? -0.070  8.221   8.446   1.00 27.06 ? 98  LYS A CB  1 
ATOM 606 C CG  . LYS A 1 82 ? 0.031   8.761   9.838   1.00 33.25 ? 98  LYS A CG  1 
ATOM 607 C CD  . LYS A 1 82 ? -1.017  8.085   10.693  1.00 39.81 ? 98  LYS A CD  1 
ATOM 608 C CE  . LYS A 1 82 ? -0.946  6.559   10.539  1.00 44.47 ? 98  LYS A CE  1 
ATOM 609 N NZ  . LYS A 1 82 ? 0.292   5.987   11.152  1.00 47.34 ? 98  LYS A NZ  1 
ATOM 610 N N   . ILE A 1 83 ? 0.372   7.303   5.631   1.00 15.40 ? 99  ILE A N   1 
ATOM 611 C CA  . ILE A 1 83 ? 0.477   6.252   4.615   1.00 15.01 ? 99  ILE A CA  1 
ATOM 612 C C   . ILE A 1 83 ? 1.790   6.373   3.851   1.00 17.44 ? 99  ILE A C   1 
ATOM 613 O O   . ILE A 1 83 ? 2.555   5.403   3.736   1.00 18.10 ? 99  ILE A O   1 
ATOM 614 C CB  . ILE A 1 83 ? -0.650  6.331   3.570   1.00 15.52 ? 99  ILE A CB  1 
ATOM 615 C CG1 . ILE A 1 83 ? -2.010  6.486   4.233   1.00 16.84 ? 99  ILE A CG1 1 
ATOM 616 C CG2 . ILE A 1 83 ? -0.665  5.073   2.760   1.00 16.45 ? 99  ILE A CG2 1 
ATOM 617 C CD1 . ILE A 1 83 ? -2.382  5.327   5.118   1.00 18.50 ? 99  ILE A CD1 1 
ATOM 618 N N   . TYR A 1 84 ? 2.056   7.585   3.358   1.00 19.20 ? 100 TYR A N   1 
ATOM 619 C CA  . TYR A 1 84 ? 3.258   7.873   2.593   1.00 18.81 ? 100 TYR A CA  1 
ATOM 620 C C   . TYR A 1 84 ? 4.505   7.564   3.383   1.00 16.22 ? 100 TYR A C   1 
ATOM 621 O O   . TYR A 1 84 ? 5.476   7.028   2.832   1.00 19.82 ? 100 TYR A O   1 
ATOM 622 C CB  . TYR A 1 84 ? 3.267   9.315   2.141   1.00 24.97 ? 100 TYR A CB  1 
ATOM 623 C CG  . TYR A 1 84 ? 4.234   9.566   1.019   1.00 30.83 ? 100 TYR A CG  1 
ATOM 624 C CD1 . TYR A 1 84 ? 3.961   9.130   -0.280  1.00 31.83 ? 100 TYR A CD1 1 
ATOM 625 C CD2 . TYR A 1 84 ? 5.432   10.228  1.257   1.00 35.02 ? 100 TYR A CD2 1 
ATOM 626 C CE1 . TYR A 1 84 ? 4.860   9.342   -1.304  1.00 34.30 ? 100 TYR A CE1 1 
ATOM 627 C CE2 . TYR A 1 84 ? 6.340   10.448  0.243   1.00 37.14 ? 100 TYR A CE2 1 
ATOM 628 C CZ  . TYR A 1 84 ? 6.056   10.005  -1.031  1.00 38.42 ? 100 TYR A CZ  1 
ATOM 629 O OH  . TYR A 1 84 ? 7.018   10.202  -1.999  1.00 42.34 ? 100 TYR A OH  1 
ATOM 630 N N   . THR A 1 85 ? 4.475   7.855   4.676   1.00 11.06 ? 101 THR A N   1 
ATOM 631 C CA  . THR A 1 85 ? 5.626   7.567   5.512   1.00 13.10 ? 101 THR A CA  1 
ATOM 632 C C   . THR A 1 85 ? 5.855   6.074   5.710   1.00 11.97 ? 101 THR A C   1 
ATOM 633 O O   . THR A 1 85 ? 6.980   5.571   5.611   1.00 11.20 ? 101 THR A O   1 
ATOM 634 C CB  . THR A 1 85 ? 5.499   8.247   6.900   1.00 19.30 ? 101 THR A CB  1 
ATOM 635 O OG1 . THR A 1 85 ? 5.455   9.675   6.734   1.00 23.86 ? 101 THR A OG1 1 
ATOM 636 C CG2 . THR A 1 85 ? 6.690   7.882   7.800   1.00 18.32 ? 101 THR A CG2 1 
ATOM 637 N N   . MET A 1 86 ? 4.786   5.356   6.018   1.00 13.67 ? 102 MET A N   1 
ATOM 638 C CA  . MET A 1 86 ? 4.907   3.928   6.257   1.00 14.03 ? 102 MET A CA  1 
ATOM 639 C C   . MET A 1 86 ? 5.429   3.254   5.022   1.00 13.43 ? 102 MET A C   1 
ATOM 640 O O   . MET A 1 86 ? 6.361   2.460   5.105   1.00 13.36 ? 102 MET A O   1 
ATOM 641 C CB  . MET A 1 86 ? 3.572   3.333   6.690   1.00 15.52 ? 102 MET A CB  1 
ATOM 642 C CG  . MET A 1 86 ? 3.089   3.855   8.030   1.00 16.74 ? 102 MET A CG  1 
ATOM 643 S SD  . MET A 1 86 ? 1.621   3.005   8.578   1.00 19.43 ? 102 MET A SD  1 
ATOM 644 C CE  . MET A 1 86 ? 0.355   3.964   7.916   1.00 17.64 ? 102 MET A CE  1 
ATOM 645 N N   . ILE A 1 87 ? 4.854   3.619   3.876   1.00 15.07 ? 103 ILE A N   1 
ATOM 646 C CA  . ILE A 1 87 ? 5.269   3.071   2.591   1.00 17.58 ? 103 ILE A CA  1 
ATOM 647 C C   . ILE A 1 87 ? 6.751   3.374   2.321   1.00 20.37 ? 103 ILE A C   1 
ATOM 648 O O   . ILE A 1 87 ? 7.486   2.502   1.870   1.00 18.95 ? 103 ILE A O   1 
ATOM 649 C CB  . ILE A 1 87 ? 4.421   3.636   1.443   1.00 17.88 ? 103 ILE A CB  1 
ATOM 650 C CG1 . ILE A 1 87 ? 2.957   3.237   1.620   1.00 17.49 ? 103 ILE A CG1 1 
ATOM 651 C CG2 . ILE A 1 87 ? 4.929   3.116   0.105   1.00 17.47 ? 103 ILE A CG2 1 
ATOM 652 C CD1 . ILE A 1 87 ? 2.010   3.856   0.584   1.00 15.46 ? 103 ILE A CD1 1 
ATOM 653 N N   . TYR A 1 88 ? 7.201   4.590   2.629   1.00 26.57 ? 104 TYR A N   1 
ATOM 654 C CA  . TYR A 1 88 ? 8.602   4.946   2.417   1.00 30.90 ? 104 TYR A CA  1 
ATOM 655 C C   . TYR A 1 88 ? 9.600   4.192   3.258   1.00 31.73 ? 104 TYR A C   1 
ATOM 656 O O   . TYR A 1 88 ? 10.699  3.924   2.805   1.00 31.18 ? 104 TYR A O   1 
ATOM 657 C CB  . TYR A 1 88 ? 8.831   6.439   2.555   1.00 36.22 ? 104 TYR A CB  1 
ATOM 658 C CG  . TYR A 1 88 ? 9.064   7.047   1.208   1.00 43.21 ? 104 TYR A CG  1 
ATOM 659 C CD1 . TYR A 1 88 ? 7.991   7.458   0.424   1.00 46.10 ? 104 TYR A CD1 1 
ATOM 660 C CD2 . TYR A 1 88 ? 10.353  7.115   0.661   1.00 47.20 ? 104 TYR A CD2 1 
ATOM 661 C CE1 . TYR A 1 88 ? 8.182   7.914   -0.868  1.00 49.00 ? 104 TYR A CE1 1 
ATOM 662 C CE2 . TYR A 1 88 ? 10.557  7.578   -0.647  1.00 50.18 ? 104 TYR A CE2 1 
ATOM 663 C CZ  . TYR A 1 88 ? 9.457   7.978   -1.404  1.00 51.57 ? 104 TYR A CZ  1 
ATOM 664 O OH  . TYR A 1 88 ? 9.616   8.465   -2.685  1.00 53.78 ? 104 TYR A OH  1 
ATOM 665 N N   . ARG A 1 89 ? 9.207   3.816   4.468   1.00 35.53 ? 105 ARG A N   1 
ATOM 666 C CA  . ARG A 1 89 ? 10.080  3.053   5.367   1.00 34.37 ? 105 ARG A CA  1 
ATOM 667 C C   . ARG A 1 89 ? 10.438  1.711   4.745   1.00 30.61 ? 105 ARG A C   1 
ATOM 668 O O   . ARG A 1 89 ? 11.418  1.077   5.141   1.00 32.92 ? 105 ARG A O   1 
ATOM 669 C CB  . ARG A 1 89 ? 9.387   2.815   6.725   1.00 38.15 ? 105 ARG A CB  1 
ATOM 670 C CG  . ARG A 1 89 ? 8.994   4.098   7.460   1.00 43.81 ? 105 ARG A CG  1 
ATOM 671 C CD  . ARG A 1 89 ? 8.788   3.887   8.954   1.00 49.18 ? 105 ARG A CD  1 
ATOM 672 N NE  . ARG A 1 89 ? 7.414   3.520   9.307   1.00 54.51 ? 105 ARG A NE  1 
ATOM 673 C CZ  . ARG A 1 89 ? 6.973   2.272   9.484   1.00 57.35 ? 105 ARG A CZ  1 
ATOM 674 N NH1 . ARG A 1 89 ? 7.786   1.226   9.337   1.00 58.70 ? 105 ARG A NH1 1 
ATOM 675 N NH2 . ARG A 1 89 ? 5.710   2.071   9.833   1.00 57.31 ? 105 ARG A NH2 1 
ATOM 676 N N   . ASN A 1 90 ? 9.646   1.286   3.767   1.00 27.25 ? 106 ASN A N   1 
ATOM 677 C CA  . ASN A 1 90 ? 9.849   0.003   3.107   1.00 27.34 ? 106 ASN A CA  1 
ATOM 678 C C   . ASN A 1 90 ? 10.491  0.077   1.747   1.00 27.34 ? 106 ASN A C   1 
ATOM 679 O O   . ASN A 1 90 ? 10.526  -0.914  1.019   1.00 25.54 ? 106 ASN A O   1 
ATOM 680 C CB  . ASN A 1 90 ? 8.524   -0.745  2.988   1.00 30.39 ? 106 ASN A CB  1 
ATOM 681 C CG  . ASN A 1 90 ? 8.078   -1.341  4.303   1.00 30.78 ? 106 ASN A CG  1 
ATOM 682 O OD1 . ASN A 1 90 ? 7.304   -0.726  5.033   1.00 31.77 ? 106 ASN A OD1 1 
ATOM 683 N ND2 . ASN A 1 90 ? 8.590   -2.533  4.630   1.00 28.54 ? 106 ASN A ND2 1 
ATOM 684 N N   . LEU A 1 91 ? 11.008  1.247   1.405   1.00 29.67 ? 107 LEU A N   1 
ATOM 685 C CA  . LEU A 1 91 ? 11.650  1.437   0.123   1.00 28.94 ? 107 LEU A CA  1 
ATOM 686 C C   . LEU A 1 91 ? 13.064  1.925   0.325   1.00 30.37 ? 107 LEU A C   1 
ATOM 687 O O   . LEU A 1 91 ? 13.444  2.381   1.402   1.00 29.22 ? 107 LEU A O   1 
ATOM 688 C CB  . LEU A 1 91 ? 10.934  2.520   -0.685  1.00 25.42 ? 107 LEU A CB  1 
ATOM 689 C CG  . LEU A 1 91 ? 9.476   2.424   -1.081  1.00 22.75 ? 107 LEU A CG  1 
ATOM 690 C CD1 . LEU A 1 91 ? 9.041   3.806   -1.487  1.00 23.42 ? 107 LEU A CD1 1 
ATOM 691 C CD2 . LEU A 1 91 ? 9.247   1.417   -2.179  1.00 20.95 ? 107 LEU A CD2 1 
ATOM 692 N N   . VAL A 1 92 ? 13.801  1.915   -0.772  1.00 32.60 ? 108 VAL A N   1 
ATOM 693 C CA  . VAL A 1 92 ? 15.155  2.414   -0.811  1.00 34.59 ? 108 VAL A CA  1 
ATOM 694 C C   . VAL A 1 92 ? 15.258  3.105   -2.163  1.00 34.90 ? 108 VAL A C   1 
ATOM 695 O O   . VAL A 1 92 ? 14.640  2.669   -3.139  1.00 32.74 ? 108 VAL A O   1 
ATOM 696 C CB  . VAL A 1 92 ? 16.186  1.283   -0.610  1.00 36.33 ? 108 VAL A CB  1 
ATOM 697 C CG1 . VAL A 1 92 ? 15.657  -0.029  -1.149  1.00 37.75 ? 108 VAL A CG1 1 
ATOM 698 C CG2 . VAL A 1 92 ? 17.505  1.644   -1.265  1.00 36.99 ? 108 VAL A CG2 1 
ATOM 699 N N   . VAL A 1 93 ? 15.995  4.213   -2.166  1.00 38.64 ? 109 VAL A N   1 
ATOM 700 C CA  . VAL A 1 93 ? 16.252  5.106   -3.314  1.00 40.78 ? 109 VAL A CA  1 
ATOM 701 C C   . VAL A 1 93 ? 15.149  6.168   -3.348  1.00 42.51 ? 109 VAL A C   1 
ATOM 702 O O   . VAL A 1 93 ? 14.015  5.885   -2.904  1.00 42.68 ? 109 VAL A O   1 
ATOM 703 C CB  . VAL A 1 93 ? 16.359  4.383   -4.707  1.00 41.86 ? 109 VAL A CB  1 
ATOM 704 C CG1 . VAL A 1 93 ? 16.858  5.355   -5.778  1.00 41.92 ? 109 VAL A CG1 1 
ATOM 705 C CG2 . VAL A 1 93 ? 17.310  3.206   -4.649  1.00 43.61 ? 109 VAL A CG2 1 
ATOM 706 N N   . GLU B 2 3  ? -17.901 7.575   -0.350  1.00 52.56 ? 17  GLU B N   1 
ATOM 707 C CA  . GLU B 2 3  ? -16.460 7.573   -0.723  1.00 50.89 ? 17  GLU B CA  1 
ATOM 708 C C   . GLU B 2 3  ? -15.968 6.129   -0.733  1.00 44.52 ? 17  GLU B C   1 
ATOM 709 O O   . GLU B 2 3  ? -15.998 5.451   0.289   1.00 46.37 ? 17  GLU B O   1 
ATOM 710 C CB  . GLU B 2 3  ? -15.649 8.445   0.267   1.00 55.17 ? 17  GLU B CB  1 
ATOM 711 C CG  . GLU B 2 3  ? -16.099 8.391   1.752   1.00 58.48 ? 17  GLU B CG  1 
ATOM 712 C CD  . GLU B 2 3  ? -15.237 7.489   2.649   1.00 60.32 ? 17  GLU B CD  1 
ATOM 713 O OE1 . GLU B 2 3  ? -14.113 7.901   3.004   1.00 60.54 ? 17  GLU B OE1 1 
ATOM 714 O OE2 . GLU B 2 3  ? -15.694 6.382   3.027   1.00 60.63 ? 17  GLU B OE2 1 
ATOM 715 N N   . THR B 2 4  ? -15.579 5.634   -1.896  1.00 36.89 ? 18  THR B N   1 
ATOM 716 C CA  . THR B 2 4  ? -15.109 4.267   -1.968  1.00 32.17 ? 18  THR B CA  1 
ATOM 717 C C   . THR B 2 4  ? -13.588 4.204   -1.807  1.00 26.92 ? 18  THR B C   1 
ATOM 718 O O   . THR B 2 4  ? -12.897 5.225   -1.940  1.00 25.44 ? 18  THR B O   1 
ATOM 719 C CB  . THR B 2 4  ? -15.531 3.611   -3.277  1.00 33.65 ? 18  THR B CB  1 
ATOM 720 O OG1 . THR B 2 4  ? -14.755 4.146   -4.352  1.00 33.86 ? 18  THR B OG1 1 
ATOM 721 C CG2 . THR B 2 4  ? -17.005 3.889   -3.538  1.00 35.00 ? 18  THR B CG2 1 
ATOM 722 N N   . PHE B 2 5  ? -13.077 3.004   -1.521  1.00 22.45 ? 19  PHE B N   1 
ATOM 723 C CA  . PHE B 2 5  ? -11.654 2.808   -1.317  1.00 17.73 ? 19  PHE B CA  1 
ATOM 724 C C   . PHE B 2 5  ? -10.852 3.344   -2.475  1.00 21.74 ? 19  PHE B C   1 
ATOM 725 O O   . PHE B 2 5  ? -9.960  4.161   -2.281  1.00 22.84 ? 19  PHE B O   1 
ATOM 726 C CB  . PHE B 2 5  ? -11.304 1.342   -1.127  1.00 12.04 ? 19  PHE B CB  1 
ATOM 727 C CG  . PHE B 2 5  ? -9.826  1.104   -0.983  1.00 12.01 ? 19  PHE B CG  1 
ATOM 728 C CD1 . PHE B 2 5  ? -9.158  1.502   0.167   1.00 12.17 ? 19  PHE B CD1 1 
ATOM 729 C CD2 . PHE B 2 5  ? -9.094  0.523   -2.013  1.00 11.53 ? 19  PHE B CD2 1 
ATOM 730 C CE1 . PHE B 2 5  ? -7.784  1.322   0.285   1.00 13.45 ? 19  PHE B CE1 1 
ATOM 731 C CE2 . PHE B 2 5  ? -7.718  0.340   -1.905  1.00 10.96 ? 19  PHE B CE2 1 
ATOM 732 C CZ  . PHE B 2 5  ? -7.059  0.739   -0.756  1.00 11.75 ? 19  PHE B CZ  1 
ATOM 733 N N   . SER B 2 6  ? -11.186 2.885   -3.678  1.00 24.64 ? 20  SER B N   1 
ATOM 734 C CA  . SER B 2 6  ? -10.495 3.291   -4.891  1.00 26.30 ? 20  SER B CA  1 
ATOM 735 C C   . SER B 2 6  ? -10.429 4.794   -5.107  1.00 27.49 ? 20  SER B C   1 
ATOM 736 O O   . SER B 2 6  ? -9.421  5.296   -5.584  1.00 28.40 ? 20  SER B O   1 
ATOM 737 C CB  . SER B 2 6  ? -11.104 2.606   -6.099  1.00 27.55 ? 20  SER B CB  1 
ATOM 738 O OG  . SER B 2 6  ? -10.092 1.854   -6.738  1.00 30.01 ? 20  SER B OG  1 
ATOM 739 N N   . ASP B 2 7  ? -11.491 5.508   -4.751  1.00 27.30 ? 21  ASP B N   1 
ATOM 740 C CA  . ASP B 2 7  ? -11.509 6.952   -4.874  1.00 28.79 ? 21  ASP B CA  1 
ATOM 741 C C   . ASP B 2 7  ? -10.518 7.521   -3.876  1.00 29.54 ? 21  ASP B C   1 
ATOM 742 O O   . ASP B 2 7  ? -9.705  8.380   -4.211  1.00 33.11 ? 21  ASP B O   1 
ATOM 743 C CB  . ASP B 2 7  ? -12.893 7.512   -4.531  1.00 33.00 ? 21  ASP B CB  1 
ATOM 744 C CG  . ASP B 2 7  ? -13.981 7.027   -5.474  1.00 38.52 ? 21  ASP B CG  1 
ATOM 745 O OD1 . ASP B 2 7  ? -13.642 6.614   -6.616  1.00 39.73 ? 21  ASP B OD1 1 
ATOM 746 O OD2 . ASP B 2 7  ? -15.174 7.063   -5.066  1.00 40.32 ? 21  ASP B OD2 1 
ATOM 747 N N   . LEU B 2 8  ? -10.594 7.032   -2.642  1.00 26.27 ? 22  LEU B N   1 
ATOM 748 C CA  . LEU B 2 8  ? -9.743  7.509   -1.571  1.00 21.85 ? 22  LEU B CA  1 
ATOM 749 C C   . LEU B 2 8  ? -8.263  7.242   -1.806  1.00 22.11 ? 22  LEU B C   1 
ATOM 750 O O   . LEU B 2 8  ? -7.421  8.126   -1.593  1.00 24.72 ? 22  LEU B O   1 
ATOM 751 C CB  . LEU B 2 8  ? -10.171 6.875   -0.246  1.00 18.73 ? 22  LEU B CB  1 
ATOM 752 C CG  . LEU B 2 8  ? -11.219 7.453   0.709   1.00 15.80 ? 22  LEU B CG  1 
ATOM 753 C CD1 . LEU B 2 8  ? -11.919 8.640   0.108   1.00 14.53 ? 22  LEU B CD1 1 
ATOM 754 C CD2 . LEU B 2 8  ? -12.219 6.370   1.073   1.00 14.98 ? 22  LEU B CD2 1 
ATOM 755 N N   . TRP B 2 9  ? -7.956  6.033   -2.263  1.00 19.21 ? 23  TRP B N   1 
ATOM 756 C CA  . TRP B 2 9  ? -6.581  5.581   -2.484  1.00 20.10 ? 23  TRP B CA  1 
ATOM 757 C C   . TRP B 2 9  ? -5.852  6.279   -3.631  1.00 25.27 ? 23  TRP B C   1 
ATOM 758 O O   . TRP B 2 9  ? -4.631  6.385   -3.641  1.00 27.09 ? 23  TRP B O   1 
ATOM 759 C CB  . TRP B 2 9  ? -6.554  4.041   -2.650  1.00 14.64 ? 23  TRP B CB  1 
ATOM 760 C CG  . TRP B 2 9  ? -5.194  3.441   -2.797  1.00 11.74 ? 23  TRP B CG  1 
ATOM 761 C CD1 . TRP B 2 9  ? -4.542  3.179   -3.968  1.00 10.40 ? 23  TRP B CD1 1 
ATOM 762 C CD2 . TRP B 2 9  ? -4.291  3.065   -1.742  1.00 11.59 ? 23  TRP B CD2 1 
ATOM 763 N NE1 . TRP B 2 9  ? -3.282  2.673   -3.713  1.00 8.62  ? 23  TRP B NE1 1 
ATOM 764 C CE2 . TRP B 2 9  ? -3.099  2.597   -2.357  1.00 10.54 ? 23  TRP B CE2 1 
ATOM 765 C CE3 . TRP B 2 9  ? -4.365  3.081   -0.346  1.00 11.67 ? 23  TRP B CE3 1 
ATOM 766 C CZ2 . TRP B 2 9  ? -1.997  2.154   -1.622  1.00 11.03 ? 23  TRP B CZ2 1 
ATOM 767 C CZ3 . TRP B 2 9  ? -3.270  2.635   0.383   1.00 10.73 ? 23  TRP B CZ3 1 
ATOM 768 C CH2 . TRP B 2 9  ? -2.102  2.180   -0.261  1.00 10.81 ? 23  TRP B CH2 1 
ATOM 769 N N   . LYS B 2 10 ? -6.593  6.758   -4.606  1.00 30.12 ? 24  LYS B N   1 
ATOM 770 C CA  . LYS B 2 10 ? -5.956  7.431   -5.715  1.00 35.48 ? 24  LYS B CA  1 
ATOM 771 C C   . LYS B 2 10 ? -5.508  8.848   -5.362  1.00 35.68 ? 24  LYS B C   1 
ATOM 772 O O   . LYS B 2 10 ? -4.743  9.458   -6.104  1.00 39.75 ? 24  LYS B O   1 
ATOM 773 C CB  . LYS B 2 10 ? -6.867  7.403   -6.940  1.00 41.39 ? 24  LYS B CB  1 
ATOM 774 C CG  . LYS B 2 10 ? -7.027  5.989   -7.501  1.00 46.84 ? 24  LYS B CG  1 
ATOM 775 C CD  . LYS B 2 10 ? -8.200  5.858   -8.461  1.00 50.66 ? 24  LYS B CD  1 
ATOM 776 C CE  . LYS B 2 10 ? -8.460  4.391   -8.781  1.00 52.44 ? 24  LYS B CE  1 
ATOM 777 N NZ  . LYS B 2 10 ? -9.675  4.256   -9.617  1.00 53.53 ? 24  LYS B NZ  1 
ATOM 778 N N   . LEU B 2 11 ? -5.922  9.342   -4.202  1.00 31.53 ? 25  LEU B N   1 
ATOM 779 C CA  . LEU B 2 11 ? -5.529  10.677  -3.766  1.00 28.43 ? 25  LEU B CA  1 
ATOM 780 C C   . LEU B 2 11 ? -4.230  10.688  -2.974  1.00 27.36 ? 25  LEU B C   1 
ATOM 781 O O   . LEU B 2 11 ? -3.963  11.623  -2.227  1.00 28.91 ? 25  LEU B O   1 
ATOM 782 C CB  . LEU B 2 11 ? -6.628  11.292  -2.910  1.00 28.84 ? 25  LEU B CB  1 
ATOM 783 C CG  . LEU B 2 11 ? -7.992  11.440  -3.576  1.00 30.87 ? 25  LEU B CG  1 
ATOM 784 C CD1 . LEU B 2 11 ? -8.944  12.027  -2.547  1.00 30.42 ? 25  LEU B CD1 1 
ATOM 785 C CD2 . LEU B 2 11 ? -7.902  12.325  -4.828  1.00 30.75 ? 25  LEU B CD2 1 
ATOM 786 N N   . LEU B 2 12 ? -3.443  9.634   -3.093  1.00 28.16 ? 26  LEU B N   1 
ATOM 787 C CA  . LEU B 2 12 ? -2.182  9.543   -2.365  1.00 30.58 ? 26  LEU B CA  1 
ATOM 788 C C   . LEU B 2 12 ? -1.067  10.051  -3.263  1.00 32.69 ? 26  LEU B C   1 
ATOM 789 O O   . LEU B 2 12 ? -1.120  9.836   -4.483  1.00 33.43 ? 26  LEU B O   1 
ATOM 790 C CB  . LEU B 2 12 ? -1.876  8.085   -1.989  1.00 30.27 ? 26  LEU B CB  1 
ATOM 791 C CG  . LEU B 2 12 ? -2.859  7.240   -1.187  1.00 29.57 ? 26  LEU B CG  1 
ATOM 792 C CD1 . LEU B 2 12 ? -2.289  5.846   -1.104  1.00 29.65 ? 26  LEU B CD1 1 
ATOM 793 C CD2 . LEU B 2 12 ? -3.072  7.822   0.200   1.00 29.90 ? 26  LEU B CD2 1 
ATOM 794 N N   . PRO B 2 13 ? -0.013  10.665  -2.664  1.00 32.15 ? 27  PRO B N   1 
ATOM 795 C CA  . PRO B 2 13 ? 1.147   11.211  -3.379  1.00 32.91 ? 27  PRO B CA  1 
ATOM 796 C C   . PRO B 2 13 ? 1.743   10.120  -4.255  1.00 36.74 ? 27  PRO B C   1 
ATOM 797 O O   . PRO B 2 13 ? 2.196   9.088   -3.754  1.00 37.93 ? 27  PRO B O   1 
ATOM 798 C CB  . PRO B 2 13 ? 2.082   11.603  -2.245  1.00 31.00 ? 27  PRO B CB  1 
ATOM 799 C CG  . PRO B 2 13 ? 1.137   11.956  -1.150  1.00 28.74 ? 27  PRO B CG  1 
ATOM 800 C CD  . PRO B 2 13 ? 0.176   10.823  -1.212  1.00 29.37 ? 27  PRO B CD  1 
ATOM 801 N N   . GLU B 2 14 ? 1.712   10.357  -5.564  1.00 39.68 ? 28  GLU B N   1 
ATOM 802 C CA  . GLU B 2 14 ? 2.181   9.405   -6.570  1.00 41.42 ? 28  GLU B CA  1 
ATOM 803 C C   . GLU B 2 14 ? 3.666   9.361   -6.899  1.00 41.07 ? 28  GLU B C   1 
ATOM 804 O O   . GLU B 2 14 ? 4.091   8.619   -7.783  1.00 44.94 ? 28  GLU B O   1 
ATOM 805 C CB  . GLU B 2 14 ? 1.353   9.559   -7.848  1.00 43.50 ? 28  GLU B CB  1 
ATOM 806 C CG  . GLU B 2 14 ? 1.094   10.995  -8.236  1.00 46.41 ? 28  GLU B CG  1 
ATOM 807 C CD  . GLU B 2 14 ? -0.088  11.146  -9.163  1.00 50.74 ? 28  GLU B CD  1 
ATOM 808 O OE1 . GLU B 2 14 ? -0.963  10.246  -9.190  1.00 50.52 ? 28  GLU B OE1 1 
ATOM 809 O OE2 . GLU B 2 14 ? -0.145  12.188  -9.859  1.00 54.75 ? 28  GLU B OE2 1 
ATOM 810 N N   . ASN B 2 15 ? 4.453   10.129  -6.170  1.00 37.74 ? 29  ASN B N   1 
ATOM 811 C CA  . ASN B 2 15 ? 5.895   10.165  -6.359  1.00 37.72 ? 29  ASN B CA  1 
ATOM 812 C C   . ASN B 2 15 ? 6.447   10.490  -5.001  1.00 30.80 ? 29  ASN B C   1 
ATOM 813 O O   . ASN B 2 15 ? 5.629   10.902  -4.183  1.00 28.87 ? 29  ASN B O   1 
ATOM 814 C CB  . ASN B 2 15 ? 6.309   11.253  -7.367  1.00 44.98 ? 29  ASN B CB  1 
ATOM 815 C CG  . ASN B 2 15 ? 6.276   10.766  -8.827  1.00 49.82 ? 29  ASN B CG  1 
ATOM 816 O OD1 . ASN B 2 15 ? 6.469   9.574   -9.124  1.00 50.99 ? 29  ASN B OD1 1 
ATOM 817 N ND2 . ASN B 2 15 ? 6.059   11.702  -9.744  1.00 51.64 ? 29  ASN B ND2 1 
ATOM 818 O OXT . ASN B 2 15 ? 7.649   10.313  -4.740  1.00 30.36 ? 29  ASN B OXT 1 
# 
